data_4XJC
#
_entry.id   4XJC
#
_cell.length_a   92.720
_cell.length_b   55.630
_cell.length_c   95.600
_cell.angle_alpha   90.00
_cell.angle_beta   97.36
_cell.angle_gamma   90.00
#
_symmetry.space_group_name_H-M   'P 1 21 1'
#
loop_
_entity.id
_entity.type
_entity.pdbx_description
1 polymer 'Deoxycytidine triphosphate deaminase'
2 non-polymer "THYMIDINE-5'-TRIPHOSPHATE"
3 non-polymer 'MAGNESIUM ION'
4 non-polymer DI(HYDROXYETHYL)ETHER
5 water water
#
_entity_poly.entity_id   1
_entity_poly.type   'polypeptide(L)'
_entity_poly.pdbx_seq_one_letter_code
;MILSGKTISEKLTEKELEITPLTEEQIQPASVDLRLGPHFVTIDDSKEAVISFERPIRYREWTTSDETIVLPPHTFLLAT
TMETVKLPNHLTAFVEGRSSVGRLGLFIQNAGWVDPGFNGQITLELFNANRLPIELPIGRRICQLVFAEVTGEVAPYQGK
YLFQKGATMSEIYKDAF
;
_entity_poly.pdbx_strand_id   A,C,E,B,D,F
#
loop_
_chem_comp.id
_chem_comp.type
_chem_comp.name
_chem_comp.formula
MG non-polymer 'MAGNESIUM ION' 'Mg 2'
PEG non-polymer DI(HYDROXYETHYL)ETHER 'C4 H10 O3'
TTP non-polymer THYMIDINE-5'-TRIPHOSPHATE 'C10 H17 N2 O14 P3'
#
# COMPACT_ATOMS: atom_id res chain seq x y z
N MET A 1 22.28 36.15 2.67
CA MET A 1 21.61 35.95 3.99
C MET A 1 20.16 35.49 3.72
N ILE A 2 19.50 34.86 4.70
CA ILE A 2 18.09 34.59 4.62
C ILE A 2 17.37 35.91 4.90
N LEU A 3 16.33 36.19 4.12
CA LEU A 3 15.52 37.40 4.29
C LEU A 3 14.52 37.29 5.44
N SER A 4 14.48 38.29 6.31
CA SER A 4 13.46 38.31 7.35
C SER A 4 12.11 38.50 6.69
N GLY A 5 11.08 38.10 7.41
CA GLY A 5 9.71 38.34 6.96
C GLY A 5 9.46 39.81 6.63
N LYS A 6 9.96 40.69 7.46
CA LYS A 6 9.80 42.12 7.20
C LYS A 6 10.46 42.54 5.90
N THR A 7 11.65 42.03 5.64
CA THR A 7 12.34 42.33 4.40
C THR A 7 11.54 41.81 3.22
N ILE A 8 11.01 40.60 3.34
CA ILE A 8 10.14 40.06 2.28
C ILE A 8 8.98 41.02 2.01
N SER A 9 8.34 41.53 3.06
CA SER A 9 7.24 42.52 2.90
C SER A 9 7.66 43.75 2.12
N GLU A 10 8.83 44.29 2.48
CA GLU A 10 9.36 45.46 1.82
C GLU A 10 9.55 45.20 0.34
N LYS A 11 10.20 44.09 0.03
CA LYS A 11 10.48 43.75 -1.36
C LYS A 11 9.22 43.50 -2.18
N LEU A 12 8.20 42.95 -1.54
CA LEU A 12 6.89 42.83 -2.18
C LEU A 12 6.34 44.20 -2.50
N THR A 13 6.39 45.10 -1.54
CA THR A 13 5.80 46.42 -1.72
C THR A 13 6.51 47.18 -2.81
N GLU A 14 7.81 47.01 -2.89
CA GLU A 14 8.59 47.67 -3.91
C GLU A 14 8.61 46.88 -5.21
N LYS A 15 7.86 45.79 -5.28
CA LYS A 15 7.71 44.98 -6.49
C LYS A 15 9.03 44.33 -6.94
N GLU A 16 10.00 44.20 -6.03
CA GLU A 16 11.23 43.48 -6.33
C GLU A 16 10.90 42.00 -6.47
N LEU A 17 9.85 41.61 -5.78
CA LEU A 17 9.42 40.24 -5.68
C LEU A 17 7.89 40.28 -5.77
N GLU A 18 7.29 39.30 -6.44
CA GLU A 18 5.83 39.19 -6.48
C GLU A 18 5.38 37.85 -5.94
N ILE A 19 4.37 37.89 -5.09
CA ILE A 19 3.69 36.72 -4.59
C ILE A 19 2.24 37.12 -4.47
N THR A 20 1.39 36.47 -5.26
CA THR A 20 0.02 36.91 -5.38
C THR A 20 -0.92 35.74 -5.68
N PRO A 21 -2.12 35.72 -5.09
CA PRO A 21 -2.66 36.63 -4.08
C PRO A 21 -2.09 36.30 -2.72
N LEU A 22 -2.07 37.27 -1.82
CA LEU A 22 -1.39 37.12 -0.56
C LEU A 22 -2.05 37.91 0.56
N THR A 23 -2.14 37.33 1.73
CA THR A 23 -2.58 38.01 2.93
C THR A 23 -1.37 38.34 3.77
N GLU A 24 -1.42 39.47 4.48
CA GLU A 24 -0.26 39.91 5.26
C GLU A 24 0.13 38.91 6.34
N GLU A 25 -0.82 38.14 6.86
CA GLU A 25 -0.54 37.23 7.98
C GLU A 25 0.12 35.93 7.50
N GLN A 26 0.20 35.73 6.19
CA GLN A 26 1.04 34.69 5.65
C GLN A 26 2.55 34.94 5.87
N ILE A 27 2.90 36.20 6.15
CA ILE A 27 4.30 36.60 6.38
C ILE A 27 4.74 36.12 7.79
N GLN A 28 5.88 35.43 7.85
CA GLN A 28 6.35 34.79 9.08
C GLN A 28 7.75 35.30 9.44
N PRO A 29 8.34 34.83 10.55
CA PRO A 29 9.56 35.48 11.02
C PRO A 29 10.66 35.53 9.98
N ALA A 30 10.83 34.44 9.22
CA ALA A 30 11.78 34.42 8.14
C ALA A 30 11.33 33.50 7.02
N SER A 31 10.06 33.60 6.69
CA SER A 31 9.46 32.82 5.64
C SER A 31 8.10 33.40 5.29
N VAL A 32 7.50 32.88 4.23
CA VAL A 32 6.12 33.22 3.91
C VAL A 32 5.31 31.95 3.58
N ASP A 33 4.20 31.78 4.29
CA ASP A 33 3.30 30.64 4.07
C ASP A 33 2.55 30.73 2.76
N LEU A 34 2.47 29.61 2.06
CA LEU A 34 1.65 29.51 0.85
C LEU A 34 0.49 28.51 1.06
N ARG A 35 -0.53 28.62 0.23
CA ARG A 35 -1.76 27.86 0.40
C ARG A 35 -2.00 26.82 -0.69
N LEU A 36 -2.74 25.80 -0.33
CA LEU A 36 -3.06 24.69 -1.22
C LEU A 36 -4.17 25.09 -2.16
N GLY A 37 -3.92 24.91 -3.45
CA GLY A 37 -4.91 25.19 -4.50
C GLY A 37 -5.84 24.02 -4.75
N PRO A 38 -6.81 24.20 -5.66
CA PRO A 38 -7.87 23.21 -5.88
C PRO A 38 -7.52 22.18 -6.94
N HIS A 39 -6.32 22.26 -7.51
CA HIS A 39 -5.99 21.50 -8.70
C HIS A 39 -4.97 20.41 -8.40
N PHE A 40 -5.20 19.23 -8.96
CA PHE A 40 -4.46 18.03 -8.62
C PHE A 40 -4.15 17.16 -9.82
N VAL A 41 -3.04 16.43 -9.72
CA VAL A 41 -2.64 15.53 -10.76
C VAL A 41 -2.17 14.23 -10.12
N THR A 42 -2.57 13.11 -10.69
CA THR A 42 -2.05 11.82 -10.26
C THR A 42 -1.65 10.97 -11.47
N ILE A 43 -0.63 10.13 -11.32
CA ILE A 43 -0.23 9.24 -12.39
C ILE A 43 -1.36 8.24 -12.69
N ASP A 44 -1.64 8.00 -13.96
CA ASP A 44 -2.69 7.06 -14.31
C ASP A 44 -2.17 5.61 -14.23
N ASP A 45 -2.25 5.10 -13.02
CA ASP A 45 -2.05 3.70 -12.65
C ASP A 45 -2.82 2.65 -13.38
N SER A 46 -3.91 2.99 -14.04
CA SER A 46 -4.58 1.99 -14.88
C SER A 46 -3.97 1.88 -16.24
N LYS A 47 -3.27 2.91 -16.68
CA LYS A 47 -2.77 2.91 -18.05
C LYS A 47 -1.30 2.62 -18.11
N GLU A 48 -0.58 2.96 -17.07
CA GLU A 48 0.87 2.85 -17.08
C GLU A 48 1.23 1.68 -16.17
N ALA A 49 2.12 0.83 -16.64
CA ALA A 49 2.65 -0.25 -15.82
C ALA A 49 3.99 0.13 -15.20
N VAL A 50 4.69 1.07 -15.82
CA VAL A 50 6.00 1.47 -15.39
C VAL A 50 6.17 2.97 -15.65
N ILE A 51 6.89 3.65 -14.76
CA ILE A 51 7.13 5.07 -14.93
C ILE A 51 8.46 5.25 -15.63
N SER A 52 8.49 6.19 -16.57
CA SER A 52 9.62 6.40 -17.46
C SER A 52 10.05 7.85 -17.48
N PHE A 53 11.33 8.07 -17.73
CA PHE A 53 11.89 9.42 -17.86
C PHE A 53 12.02 9.80 -19.32
N GLU A 54 11.67 8.87 -20.21
CA GLU A 54 12.01 9.01 -21.61
C GLU A 54 10.84 9.29 -22.52
N ARG A 55 9.63 9.26 -21.98
CA ARG A 55 8.41 9.57 -22.73
C ARG A 55 7.38 10.11 -21.76
N PRO A 56 6.31 10.75 -22.27
CA PRO A 56 5.25 11.20 -21.36
C PRO A 56 4.56 10.02 -20.69
N ILE A 57 4.08 10.31 -19.48
CA ILE A 57 3.37 9.39 -18.66
C ILE A 57 1.91 9.85 -18.58
N ARG A 58 0.97 8.94 -18.73
CA ARG A 58 -0.43 9.30 -18.72
C ARG A 58 -0.77 9.70 -17.30
N TYR A 59 -1.68 10.64 -17.16
CA TYR A 59 -2.08 11.12 -15.84
C TYR A 59 -3.51 11.61 -15.83
N ARG A 60 -4.08 11.68 -14.64
CA ARG A 60 -5.39 12.26 -14.47
C ARG A 60 -5.22 13.57 -13.76
N GLU A 61 -5.96 14.57 -14.19
CA GLU A 61 -5.92 15.85 -13.55
C GLU A 61 -7.33 16.31 -13.24
N TRP A 62 -7.52 17.02 -12.14
CA TRP A 62 -8.84 17.57 -11.84
C TRP A 62 -8.78 18.78 -10.90
N THR A 63 -9.81 19.61 -11.00
CA THR A 63 -10.00 20.73 -10.12
C THR A 63 -11.18 20.35 -9.25
N THR A 64 -11.03 20.42 -7.94
CA THR A 64 -12.13 20.10 -7.07
C THR A 64 -12.89 21.36 -6.66
N SER A 65 -14.20 21.18 -6.50
CA SER A 65 -15.09 22.20 -5.95
C SER A 65 -15.35 21.92 -4.50
N ASP A 66 -14.88 20.79 -4.00
CA ASP A 66 -15.08 20.44 -2.62
C ASP A 66 -14.14 21.24 -1.75
N GLU A 67 -14.48 21.32 -0.48
CA GLU A 67 -13.65 21.99 0.49
C GLU A 67 -12.38 21.20 0.86
N THR A 68 -12.44 19.88 0.74
CA THR A 68 -11.29 19.05 1.02
C THR A 68 -11.07 18.04 -0.05
N ILE A 69 -9.88 17.48 -0.02
CA ILE A 69 -9.49 16.37 -0.83
C ILE A 69 -8.89 15.31 0.12
N VAL A 70 -9.06 14.04 -0.24
CA VAL A 70 -8.54 12.94 0.53
C VAL A 70 -7.30 12.38 -0.15
N LEU A 71 -6.25 12.24 0.62
CA LEU A 71 -5.05 11.55 0.18
C LEU A 71 -4.90 10.24 0.95
N PRO A 72 -5.03 9.11 0.26
CA PRO A 72 -5.03 7.85 1.00
C PRO A 72 -3.64 7.50 1.53
N PRO A 73 -3.56 6.56 2.46
CA PRO A 73 -2.27 6.17 3.03
C PRO A 73 -1.23 5.82 1.97
N HIS A 74 0.01 6.19 2.22
CA HIS A 74 1.14 5.81 1.35
C HIS A 74 0.98 6.17 -0.11
N THR A 75 0.30 7.28 -0.34
CA THR A 75 -0.08 7.69 -1.70
C THR A 75 0.57 9.01 -1.98
N PHE A 76 0.94 9.17 -3.24
CA PHE A 76 1.67 10.32 -3.72
C PHE A 76 0.74 11.12 -4.63
N LEU A 77 0.73 12.43 -4.49
CA LEU A 77 -0.15 13.28 -5.26
C LEU A 77 0.52 14.60 -5.63
N LEU A 78 0.30 15.10 -6.86
CA LEU A 78 0.75 16.43 -7.24
C LEU A 78 -0.31 17.47 -6.99
N ALA A 79 0.10 18.59 -6.39
CA ALA A 79 -0.78 19.69 -6.10
C ALA A 79 -0.11 20.99 -6.51
N THR A 80 -0.76 22.11 -6.18
CA THR A 80 -0.22 23.42 -6.51
C THR A 80 -0.54 24.44 -5.42
N THR A 81 0.25 25.51 -5.41
CA THR A 81 -0.04 26.63 -4.55
C THR A 81 -1.07 27.49 -5.23
N MET A 82 -1.84 28.21 -4.42
CA MET A 82 -2.73 29.22 -4.95
C MET A 82 -1.89 30.36 -5.47
N GLU A 83 -0.77 30.61 -4.82
CA GLU A 83 0.04 31.78 -5.10
C GLU A 83 0.91 31.60 -6.36
N THR A 84 0.96 32.65 -7.16
CA THR A 84 1.90 32.75 -8.23
C THR A 84 3.05 33.56 -7.69
N VAL A 85 4.26 33.11 -7.99
CA VAL A 85 5.47 33.69 -7.45
C VAL A 85 6.33 34.16 -8.60
N LYS A 86 6.90 35.36 -8.49
CA LYS A 86 7.89 35.82 -9.46
C LYS A 86 9.15 36.28 -8.75
N LEU A 87 10.25 35.60 -9.01
CA LEU A 87 11.54 35.92 -8.39
C LEU A 87 12.42 36.70 -9.32
N PRO A 88 13.07 37.74 -8.80
CA PRO A 88 14.05 38.46 -9.59
C PRO A 88 15.32 37.63 -9.65
N ASN A 89 16.32 38.13 -10.36
CA ASN A 89 17.52 37.36 -10.64
C ASN A 89 18.40 37.13 -9.45
N HIS A 90 18.23 37.92 -8.40
CA HIS A 90 19.15 37.84 -7.28
C HIS A 90 18.58 37.24 -6.01
N LEU A 91 17.45 36.57 -6.16
CA LEU A 91 16.87 35.83 -5.07
C LEU A 91 16.61 34.40 -5.50
N THR A 92 16.68 33.52 -4.51
CA THR A 92 16.19 32.15 -4.64
C THR A 92 15.33 31.86 -3.40
N ALA A 93 14.49 30.83 -3.47
CA ALA A 93 13.58 30.52 -2.37
C ALA A 93 13.46 29.06 -2.13
N PHE A 94 13.55 28.67 -0.86
CA PHE A 94 13.48 27.27 -0.48
C PHE A 94 12.03 26.94 -0.10
N VAL A 95 11.44 25.98 -0.81
CA VAL A 95 10.08 25.52 -0.54
C VAL A 95 10.16 24.39 0.44
N GLU A 96 9.36 24.48 1.49
CA GLU A 96 9.29 23.43 2.49
C GLU A 96 7.89 23.39 3.12
N GLY A 97 7.59 22.28 3.76
CA GLY A 97 6.32 22.13 4.40
C GLY A 97 6.32 22.96 5.65
N ARG A 98 5.13 23.18 6.19
CA ARG A 98 4.97 23.72 7.53
C ARG A 98 5.08 22.59 8.55
N SER A 99 5.76 22.84 9.67
CA SER A 99 5.91 21.82 10.70
C SER A 99 4.58 21.16 11.12
N SER A 100 3.50 21.94 11.23
CA SER A 100 2.19 21.40 11.65
C SER A 100 1.69 20.38 10.69
N VAL A 101 2.05 20.52 9.43
CA VAL A 101 1.62 19.62 8.39
C VAL A 101 2.46 18.36 8.38
N GLY A 102 3.76 18.51 8.44
CA GLY A 102 4.68 17.36 8.45
C GLY A 102 4.45 16.48 9.66
N ARG A 103 4.04 17.07 10.77
CA ARG A 103 3.82 16.31 11.98
C ARG A 103 2.62 15.38 11.86
N LEU A 104 1.75 15.62 10.87
CA LEU A 104 0.62 14.73 10.62
C LEU A 104 0.97 13.75 9.54
N GLY A 105 2.24 13.60 9.23
CA GLY A 105 2.67 12.62 8.24
C GLY A 105 2.45 13.04 6.81
N LEU A 106 2.15 14.30 6.55
CA LEU A 106 2.03 14.74 5.19
C LEU A 106 3.35 15.37 4.81
N PHE A 107 4.12 14.68 3.96
CA PHE A 107 5.43 15.14 3.52
C PHE A 107 5.38 15.91 2.18
N ILE A 108 5.91 17.13 2.23
CA ILE A 108 6.06 17.98 1.05
C ILE A 108 7.41 17.61 0.48
N GLN A 109 7.46 16.64 -0.42
CA GLN A 109 8.73 16.03 -0.88
C GLN A 109 9.49 16.89 -1.85
N ASN A 110 8.82 17.89 -2.40
CA ASN A 110 9.41 18.75 -3.42
C ASN A 110 10.41 19.78 -2.84
N ALA A 111 10.77 19.64 -1.56
CA ALA A 111 11.52 20.64 -0.84
C ALA A 111 12.79 20.94 -1.57
N GLY A 112 12.93 22.18 -1.99
CA GLY A 112 14.12 22.61 -2.68
C GLY A 112 14.14 24.08 -3.02
N TRP A 113 15.22 24.48 -3.68
CA TRP A 113 15.47 25.88 -4.01
C TRP A 113 14.93 26.27 -5.41
N VAL A 114 14.08 27.31 -5.44
CA VAL A 114 13.51 27.83 -6.70
C VAL A 114 14.55 28.64 -7.45
N ASP A 115 14.67 28.39 -8.75
CA ASP A 115 15.65 29.08 -9.59
C ASP A 115 15.37 30.59 -9.59
N PRO A 116 16.42 31.43 -9.46
CA PRO A 116 16.25 32.84 -9.70
C PRO A 116 15.58 33.08 -11.03
N GLY A 117 14.68 34.04 -11.06
CA GLY A 117 13.97 34.36 -12.28
C GLY A 117 12.74 33.51 -12.50
N PHE A 118 12.46 32.56 -11.62
CA PHE A 118 11.29 31.71 -11.80
C PHE A 118 10.01 32.52 -11.68
N ASN A 119 9.06 32.19 -12.52
CA ASN A 119 7.76 32.83 -12.55
C ASN A 119 6.69 31.77 -12.74
N GLY A 120 5.90 31.55 -11.72
CA GLY A 120 4.77 30.62 -11.80
C GLY A 120 4.21 30.26 -10.44
N GLN A 121 3.17 29.44 -10.45
CA GLN A 121 2.72 28.77 -9.25
C GLN A 121 3.74 27.68 -8.92
N ILE A 122 3.71 27.21 -7.68
CA ILE A 122 4.62 26.16 -7.22
C ILE A 122 3.85 24.84 -7.20
N THR A 123 4.40 23.86 -7.91
CA THR A 123 3.88 22.51 -7.93
C THR A 123 4.43 21.75 -6.71
N LEU A 124 3.54 21.10 -5.98
CA LEU A 124 3.90 20.43 -4.74
C LEU A 124 3.78 18.92 -4.89
N GLU A 125 4.70 18.21 -4.25
CA GLU A 125 4.72 16.76 -4.27
C GLU A 125 4.27 16.30 -2.90
N LEU A 126 3.02 15.83 -2.80
CA LEU A 126 2.45 15.43 -1.51
C LEU A 126 2.54 13.92 -1.33
N PHE A 127 2.99 13.50 -0.16
CA PHE A 127 3.03 12.10 0.18
C PHE A 127 2.45 11.90 1.55
N ASN A 128 1.45 11.04 1.63
CA ASN A 128 0.85 10.66 2.90
C ASN A 128 1.61 9.46 3.45
N ALA A 129 2.40 9.69 4.47
CA ALA A 129 3.21 8.65 5.05
C ALA A 129 2.54 7.92 6.21
N ASN A 130 1.27 8.21 6.50
CA ASN A 130 0.54 7.48 7.54
C ASN A 130 -0.14 6.25 7.02
N ARG A 131 -0.71 5.48 7.94
CA ARG A 131 -1.61 4.38 7.58
C ARG A 131 -3.06 4.80 7.46
N LEU A 132 -3.38 6.04 7.80
CA LEU A 132 -4.73 6.57 7.62
C LEU A 132 -4.78 7.59 6.50
N PRO A 133 -5.94 7.71 5.86
CA PRO A 133 -6.08 8.78 4.89
C PRO A 133 -6.00 10.13 5.57
N ILE A 134 -5.58 11.15 4.82
CA ILE A 134 -5.59 12.54 5.28
C ILE A 134 -6.55 13.38 4.47
N GLU A 135 -7.35 14.19 5.16
CA GLU A 135 -8.21 15.18 4.53
C GLU A 135 -7.49 16.51 4.44
N LEU A 136 -7.13 16.92 3.23
CA LEU A 136 -6.45 18.20 3.02
C LEU A 136 -7.48 19.25 2.71
N PRO A 137 -7.54 20.32 3.50
CA PRO A 137 -8.48 21.38 3.17
C PRO A 137 -7.88 22.38 2.19
N ILE A 138 -8.63 22.64 1.14
CA ILE A 138 -8.21 23.53 0.08
C ILE A 138 -8.09 24.93 0.66
N GLY A 139 -7.07 25.68 0.26
CA GLY A 139 -6.91 27.05 0.69
C GLY A 139 -6.22 27.25 2.02
N ARG A 140 -5.90 26.15 2.70
CA ARG A 140 -5.17 26.23 3.95
C ARG A 140 -3.66 26.35 3.68
N ARG A 141 -2.94 26.95 4.62
CA ARG A 141 -1.51 27.12 4.50
C ARG A 141 -0.81 25.81 4.68
N ILE A 142 -0.11 25.41 3.63
CA ILE A 142 0.42 24.04 3.47
C ILE A 142 1.97 23.99 3.47
N CYS A 143 2.60 25.07 3.05
CA CYS A 143 4.05 25.09 2.88
C CYS A 143 4.52 26.52 3.05
N GLN A 144 5.81 26.75 2.89
CA GLN A 144 6.34 28.11 3.02
C GLN A 144 7.62 28.26 2.20
N LEU A 145 7.95 29.52 1.89
CA LEU A 145 9.16 29.87 1.18
C LEU A 145 10.10 30.58 2.10
N VAL A 146 11.37 30.21 2.03
CA VAL A 146 12.43 30.87 2.77
C VAL A 146 13.32 31.50 1.71
N PHE A 147 13.46 32.81 1.74
CA PHE A 147 14.21 33.52 0.71
C PHE A 147 15.67 33.72 1.05
N ALA A 148 16.53 33.60 0.05
CA ALA A 148 17.96 33.83 0.20
C ALA A 148 18.51 34.62 -0.96
N GLU A 149 19.49 35.46 -0.66
CA GLU A 149 20.15 36.26 -1.69
C GLU A 149 21.17 35.46 -2.50
N VAL A 150 21.26 35.78 -3.79
CA VAL A 150 22.20 35.15 -4.70
C VAL A 150 23.31 36.16 -5.05
N THR A 151 24.57 35.74 -4.94
CA THR A 151 25.70 36.64 -5.34
C THR A 151 26.13 36.34 -6.78
N GLY A 152 26.44 37.39 -7.53
CA GLY A 152 27.03 37.27 -8.85
C GLY A 152 26.05 37.47 -9.98
N GLU A 153 26.58 37.44 -11.20
CA GLU A 153 25.76 37.53 -12.38
C GLU A 153 24.93 36.29 -12.49
N VAL A 154 23.67 36.46 -12.85
CA VAL A 154 22.74 35.35 -12.94
C VAL A 154 22.14 35.23 -14.33
N ALA A 155 22.21 34.05 -14.92
CA ALA A 155 21.42 33.71 -16.11
C ALA A 155 20.09 33.16 -15.61
N PRO A 156 19.00 33.92 -15.78
CA PRO A 156 17.74 33.52 -15.14
C PRO A 156 17.04 32.29 -15.71
N TYR A 157 16.11 31.73 -14.95
CA TYR A 157 15.43 30.48 -15.30
C TYR A 157 14.73 30.56 -16.65
N GLN A 158 15.09 29.66 -17.55
CA GLN A 158 14.50 29.56 -18.88
C GLN A 158 14.05 28.13 -19.16
N GLY A 159 13.69 27.38 -18.12
CA GLY A 159 13.46 25.94 -18.24
C GLY A 159 12.05 25.54 -18.60
N LYS A 160 11.74 24.28 -18.34
CA LYS A 160 10.45 23.67 -18.75
C LYS A 160 9.23 24.34 -18.11
N TYR A 161 9.36 24.82 -16.89
CA TYR A 161 8.19 25.16 -16.07
C TYR A 161 7.90 26.65 -15.92
N LEU A 162 8.51 27.49 -16.75
CA LEU A 162 8.25 28.93 -16.73
C LEU A 162 6.75 29.16 -17.03
N PHE A 163 6.14 30.01 -16.21
CA PHE A 163 4.71 30.38 -16.28
C PHE A 163 3.75 29.24 -15.91
N GLN A 164 4.21 28.22 -15.19
CA GLN A 164 3.33 27.08 -14.89
C GLN A 164 2.13 27.51 -14.04
N LYS A 165 1.00 26.88 -14.34
CA LYS A 165 -0.26 27.09 -13.66
C LYS A 165 -0.81 25.71 -13.39
N GLY A 166 -1.36 25.50 -12.21
CA GLY A 166 -1.87 24.19 -11.81
C GLY A 166 -0.74 23.25 -11.43
N ALA A 167 -1.09 22.19 -10.72
CA ALA A 167 -0.25 21.04 -10.60
C ALA A 167 0.21 20.66 -12.01
N THR A 168 1.52 20.70 -12.23
CA THR A 168 2.12 20.58 -13.55
C THR A 168 2.98 19.30 -13.62
N MET A 169 2.53 18.39 -14.46
CA MET A 169 3.12 17.08 -14.60
C MET A 169 4.59 17.24 -15.04
N SER A 170 5.45 16.29 -14.64
CA SER A 170 6.83 16.30 -15.09
C SER A 170 6.96 16.32 -16.59
N GLU A 171 7.90 17.12 -17.09
CA GLU A 171 8.29 17.09 -18.49
C GLU A 171 9.75 16.67 -18.65
N ILE A 172 10.19 15.77 -17.77
CA ILE A 172 11.58 15.23 -17.78
C ILE A 172 12.03 14.69 -19.14
N TYR A 173 11.10 14.08 -19.86
CA TYR A 173 11.35 13.55 -21.21
C TYR A 173 11.78 14.62 -22.23
N LYS A 174 11.62 15.90 -21.90
CA LYS A 174 12.14 16.98 -22.77
C LYS A 174 13.58 17.37 -22.56
N ASP A 175 14.26 16.81 -21.56
CA ASP A 175 15.70 17.05 -21.38
C ASP A 175 16.43 16.98 -22.71
N ALA A 176 17.22 18.00 -23.04
CA ALA A 176 18.05 17.96 -24.25
C ALA A 176 19.32 17.10 -24.07
N PHE A 177 19.72 16.82 -22.82
CA PHE A 177 20.97 16.10 -22.52
C PHE A 177 20.87 15.45 -21.10
N MET B 1 26.09 32.70 3.65
CA MET B 1 24.94 32.28 4.47
C MET B 1 25.34 31.70 5.82
N ILE B 2 26.05 30.61 5.61
CA ILE B 2 26.11 29.58 6.57
C ILE B 2 27.23 29.76 7.57
N LEU B 3 26.91 29.55 8.85
CA LEU B 3 27.88 29.63 9.92
C LEU B 3 28.77 28.38 9.96
N SER B 4 30.06 28.60 10.08
CA SER B 4 30.97 27.50 10.32
C SER B 4 30.70 26.91 11.69
N GLY B 5 31.10 25.66 11.87
CA GLY B 5 31.06 25.03 13.19
C GLY B 5 31.75 25.86 14.27
N LYS B 6 32.91 26.41 13.92
CA LYS B 6 33.64 27.22 14.87
C LYS B 6 32.84 28.44 15.28
N THR B 7 32.18 29.07 14.31
CA THR B 7 31.38 30.23 14.61
C THR B 7 30.23 29.85 15.50
N ILE B 8 29.61 28.71 15.23
CA ILE B 8 28.57 28.21 16.11
C ILE B 8 29.10 28.06 17.53
N SER B 9 30.29 27.49 17.71
CA SER B 9 30.91 27.33 19.05
C SER B 9 31.08 28.64 19.78
N GLU B 10 31.57 29.63 19.06
CA GLU B 10 31.75 30.95 19.63
C GLU B 10 30.42 31.50 20.12
N LYS B 11 29.38 31.43 19.27
CA LYS B 11 28.09 32.01 19.60
C LYS B 11 27.44 31.31 20.76
N LEU B 12 27.69 30.02 20.88
CA LEU B 12 27.26 29.28 22.06
C LEU B 12 27.94 29.76 23.32
N THR B 13 29.27 29.88 23.29
CA THR B 13 30.06 30.27 24.47
C THR B 13 29.68 31.70 24.86
N GLU B 14 29.37 32.56 23.89
CA GLU B 14 28.90 33.92 24.19
C GLU B 14 27.39 34.02 24.44
N LYS B 15 26.70 32.88 24.42
CA LYS B 15 25.26 32.83 24.73
C LYS B 15 24.39 33.62 23.75
N GLU B 16 24.90 33.87 22.55
CA GLU B 16 24.08 34.41 21.47
C GLU B 16 23.04 33.39 21.01
N LEU B 17 23.37 32.12 21.21
CA LEU B 17 22.59 30.99 20.77
C LEU B 17 22.70 29.99 21.91
N GLU B 18 21.65 29.24 22.18
CA GLU B 18 21.71 28.16 23.15
C GLU B 18 21.30 26.85 22.53
N ILE B 19 22.09 25.81 22.82
CA ILE B 19 21.76 24.44 22.46
C ILE B 19 22.26 23.60 23.61
N THR B 20 21.35 22.90 24.27
CA THR B 20 21.67 22.26 25.52
C THR B 20 20.79 21.06 25.77
N PRO B 21 21.33 20.01 26.37
CA PRO B 21 22.73 19.73 26.67
C PRO B 21 23.49 19.38 25.40
N LEU B 22 24.81 19.62 25.41
CA LEU B 22 25.63 19.51 24.21
C LEU B 22 27.07 19.06 24.51
N THR B 23 27.59 18.14 23.70
CA THR B 23 29.01 17.77 23.76
C THR B 23 29.73 18.43 22.60
N GLU B 24 30.98 18.81 22.84
CA GLU B 24 31.74 19.58 21.86
C GLU B 24 31.88 18.84 20.53
N GLU B 25 31.84 17.50 20.57
CA GLU B 25 32.08 16.70 19.39
C GLU B 25 30.83 16.60 18.50
N GLN B 26 29.70 17.07 19.00
CA GLN B 26 28.53 17.29 18.16
C GLN B 26 28.70 18.43 17.15
N ILE B 27 29.71 19.30 17.37
CA ILE B 27 30.03 20.41 16.44
C ILE B 27 30.74 19.86 15.20
N GLN B 28 30.26 20.24 14.02
CA GLN B 28 30.76 19.71 12.76
C GLN B 28 31.30 20.87 11.88
N PRO B 29 31.83 20.56 10.69
CA PRO B 29 32.42 21.62 9.86
C PRO B 29 31.53 22.83 9.60
N ALA B 30 30.26 22.60 9.31
CA ALA B 30 29.29 23.69 9.18
C ALA B 30 27.88 23.25 9.61
N SER B 31 27.82 22.52 10.72
CA SER B 31 26.56 22.07 11.28
C SER B 31 26.79 21.60 12.72
N VAL B 32 25.70 21.32 13.44
CA VAL B 32 25.80 20.69 14.74
C VAL B 32 24.81 19.54 14.88
N ASP B 33 25.34 18.38 15.23
CA ASP B 33 24.54 17.17 15.35
C ASP B 33 23.65 17.24 16.58
N LEU B 34 22.39 16.79 16.44
CA LEU B 34 21.49 16.61 17.57
C LEU B 34 21.11 15.14 17.76
N ARG B 35 20.66 14.81 18.96
CA ARG B 35 20.46 13.43 19.38
C ARG B 35 19.00 13.08 19.62
N LEU B 36 18.70 11.79 19.44
CA LEU B 36 17.36 11.27 19.58
C LEU B 36 17.00 11.14 21.03
N GLY B 37 15.90 11.77 21.42
CA GLY B 37 15.38 11.65 22.79
C GLY B 37 14.57 10.38 23.02
N PRO B 38 14.15 10.16 24.25
CA PRO B 38 13.38 8.95 24.62
C PRO B 38 11.84 9.03 24.42
N HIS B 39 11.34 10.15 23.88
CA HIS B 39 9.91 10.42 23.87
C HIS B 39 9.33 10.37 22.46
N PHE B 40 8.16 9.77 22.34
CA PHE B 40 7.59 9.42 21.05
C PHE B 40 6.07 9.63 21.04
N VAL B 41 5.54 9.91 19.84
CA VAL B 41 4.12 10.11 19.65
C VAL B 41 3.71 9.44 18.38
N THR B 42 2.58 8.76 18.46
CA THR B 42 2.00 8.16 17.28
C THR B 42 0.49 8.41 17.24
N ILE B 43 -0.08 8.45 16.06
CA ILE B 43 -1.52 8.66 15.93
C ILE B 43 -2.32 7.49 16.54
N ASP B 44 -3.39 7.77 17.28
CA ASP B 44 -4.24 6.71 17.87
C ASP B 44 -5.20 6.10 16.86
N ASP B 45 -4.66 5.12 16.13
CA ASP B 45 -5.39 4.31 15.15
C ASP B 45 -6.58 3.48 15.70
N SER B 46 -6.73 3.34 17.02
CA SER B 46 -7.93 2.73 17.60
C SER B 46 -9.06 3.76 17.78
N LYS B 47 -8.75 5.05 17.77
CA LYS B 47 -9.76 6.08 17.92
C LYS B 47 -10.03 6.94 16.68
N GLU B 48 -9.07 7.02 15.77
CA GLU B 48 -9.20 7.84 14.57
C GLU B 48 -9.20 6.95 13.34
N ALA B 49 -10.09 7.23 12.41
CA ALA B 49 -10.09 6.58 11.11
C ALA B 49 -9.43 7.45 10.02
N VAL B 50 -9.44 8.76 10.22
CA VAL B 50 -9.00 9.70 9.20
C VAL B 50 -8.28 10.83 9.88
N ILE B 51 -7.25 11.36 9.24
CA ILE B 51 -6.48 12.47 9.79
C ILE B 51 -7.04 13.79 9.25
N SER B 52 -7.20 14.76 10.14
CA SER B 52 -7.87 16.01 9.85
C SER B 52 -7.00 17.19 10.23
N PHE B 53 -7.20 18.28 9.52
CA PHE B 53 -6.51 19.55 9.81
C PHE B 53 -7.41 20.50 10.61
N GLU B 54 -8.64 20.06 10.89
CA GLU B 54 -9.67 20.95 11.40
C GLU B 54 -10.07 20.68 12.84
N ARG B 55 -9.56 19.61 13.43
CA ARG B 55 -9.81 19.29 14.84
C ARG B 55 -8.62 18.52 15.39
N PRO B 56 -8.53 18.39 16.72
CA PRO B 56 -7.45 17.55 17.26
C PRO B 56 -7.61 16.10 16.90
N ILE B 57 -6.46 15.46 16.80
CA ILE B 57 -6.37 14.07 16.48
C ILE B 57 -5.88 13.39 17.74
N ARG B 58 -6.49 12.30 18.08
CA ARG B 58 -6.09 11.59 19.28
C ARG B 58 -4.74 10.90 19.01
N TYR B 59 -3.92 10.78 20.05
CA TYR B 59 -2.60 10.18 19.89
C TYR B 59 -2.13 9.46 21.13
N ARG B 60 -1.16 8.57 20.95
CA ARG B 60 -0.49 7.92 22.05
C ARG B 60 0.89 8.52 22.15
N GLU B 61 1.30 8.78 23.37
CA GLU B 61 2.61 9.26 23.60
C GLU B 61 3.27 8.45 24.69
N TRP B 62 4.59 8.28 24.59
CA TRP B 62 5.29 7.56 25.63
C TRP B 62 6.77 7.92 25.68
N THR B 63 7.35 7.72 26.85
CA THR B 63 8.76 7.80 27.09
C THR B 63 9.26 6.38 27.32
N THR B 64 10.28 5.97 26.57
CA THR B 64 10.84 4.64 26.74
C THR B 64 12.02 4.68 27.68
N SER B 65 12.13 3.58 28.44
CA SER B 65 13.29 3.29 29.26
C SER B 65 14.21 2.28 28.57
N ASP B 66 13.82 1.81 27.39
CA ASP B 66 14.68 0.89 26.66
C ASP B 66 15.75 1.68 25.93
N GLU B 67 16.81 0.98 25.58
CA GLU B 67 17.93 1.59 24.90
C GLU B 67 17.59 1.89 23.46
N THR B 68 16.66 1.12 22.91
CA THR B 68 16.25 1.30 21.54
C THR B 68 14.77 1.29 21.42
N ILE B 69 14.32 1.77 20.28
CA ILE B 69 12.93 1.70 19.89
C ILE B 69 12.95 1.07 18.50
N VAL B 70 11.92 0.28 18.21
CA VAL B 70 11.73 -0.35 16.92
C VAL B 70 10.69 0.41 16.11
N LEU B 71 11.08 0.83 14.92
CA LEU B 71 10.17 1.48 13.99
C LEU B 71 9.90 0.44 12.90
N PRO B 72 8.66 -0.09 12.84
CA PRO B 72 8.37 -1.08 11.81
C PRO B 72 8.38 -0.54 10.40
N PRO B 73 8.43 -1.44 9.40
CA PRO B 73 8.52 -1.03 7.99
C PRO B 73 7.39 -0.08 7.59
N HIS B 74 7.70 0.91 6.76
CA HIS B 74 6.69 1.81 6.22
C HIS B 74 5.82 2.47 7.30
N THR B 75 6.43 2.79 8.42
CA THR B 75 5.74 3.38 9.53
C THR B 75 6.29 4.75 9.82
N PHE B 76 5.41 5.64 10.27
CA PHE B 76 5.74 7.02 10.55
C PHE B 76 5.64 7.23 12.02
N LEU B 77 6.57 8.01 12.58
CA LEU B 77 6.62 8.22 14.01
C LEU B 77 7.15 9.61 14.36
N LEU B 78 6.57 10.24 15.38
CA LEU B 78 7.09 11.48 15.86
C LEU B 78 8.04 11.27 17.02
N ALA B 79 9.18 11.98 16.96
CA ALA B 79 10.21 11.90 17.95
C ALA B 79 10.70 13.32 18.29
N THR B 80 11.73 13.39 19.12
CA THR B 80 12.25 14.67 19.57
C THR B 80 13.72 14.60 19.74
N THR B 81 14.35 15.75 19.71
CA THR B 81 15.75 15.87 20.06
C THR B 81 15.87 15.90 21.55
N MET B 82 17.01 15.47 22.05
CA MET B 82 17.37 15.69 23.44
C MET B 82 17.61 17.17 23.69
N GLU B 83 18.12 17.85 22.68
CA GLU B 83 18.59 19.20 22.84
C GLU B 83 17.43 20.19 22.79
N THR B 84 17.51 21.17 23.67
CA THR B 84 16.65 22.33 23.59
C THR B 84 17.47 23.39 22.89
N VAL B 85 16.83 24.09 21.99
CA VAL B 85 17.48 25.07 21.17
C VAL B 85 16.83 26.40 21.38
N LYS B 86 17.62 27.46 21.54
CA LYS B 86 17.07 28.80 21.58
C LYS B 86 17.78 29.68 20.56
N LEU B 87 17.04 30.15 19.57
CA LEU B 87 17.59 31.01 18.53
C LEU B 87 17.30 32.48 18.78
N PRO B 88 18.29 33.36 18.57
CA PRO B 88 18.05 34.79 18.62
C PRO B 88 17.35 35.23 17.34
N ASN B 89 16.99 36.51 17.25
CA ASN B 89 16.17 36.99 16.15
C ASN B 89 16.87 37.02 14.82
N HIS B 90 18.19 36.98 14.82
CA HIS B 90 18.95 37.15 13.59
C HIS B 90 19.57 35.84 13.06
N LEU B 91 19.15 34.70 13.60
CA LEU B 91 19.59 33.40 13.09
C LEU B 91 18.42 32.49 12.79
N THR B 92 18.59 31.64 11.78
CA THR B 92 17.65 30.59 11.46
C THR B 92 18.49 29.33 11.28
N ALA B 93 17.86 28.16 11.37
CA ALA B 93 18.60 26.91 11.31
C ALA B 93 17.85 25.86 10.53
N PHE B 94 18.58 25.19 9.63
CA PHE B 94 17.99 24.15 8.80
C PHE B 94 18.20 22.80 9.48
N VAL B 95 17.11 22.10 9.76
CA VAL B 95 17.16 20.77 10.33
C VAL B 95 17.21 19.78 9.20
N GLU B 96 18.13 18.83 9.27
CA GLU B 96 18.20 17.75 8.31
C GLU B 96 18.80 16.50 8.94
N GLY B 97 18.56 15.37 8.31
CA GLY B 97 19.06 14.11 8.83
C GLY B 97 20.54 14.06 8.59
N ARG B 98 21.20 13.12 9.25
CA ARG B 98 22.59 12.78 8.95
C ARG B 98 22.64 11.76 7.84
N SER B 99 23.56 11.93 6.91
CA SER B 99 23.64 11.04 5.76
C SER B 99 23.68 9.57 6.16
N SER B 100 24.36 9.25 7.27
CA SER B 100 24.46 7.85 7.73
C SER B 100 23.10 7.25 8.07
N VAL B 101 22.19 8.10 8.50
CA VAL B 101 20.87 7.66 8.92
C VAL B 101 19.94 7.50 7.73
N GLY B 102 19.93 8.50 6.86
CA GLY B 102 19.14 8.44 5.64
C GLY B 102 19.54 7.28 4.75
N ARG B 103 20.81 6.91 4.78
CA ARG B 103 21.29 5.78 3.96
C ARG B 103 20.74 4.44 4.41
N LEU B 104 20.25 4.37 5.64
CA LEU B 104 19.58 3.14 6.12
C LEU B 104 18.07 3.21 5.95
N GLY B 105 17.56 4.13 5.13
CA GLY B 105 16.13 4.22 4.85
C GLY B 105 15.33 4.84 5.99
N LEU B 106 15.99 5.50 6.93
CA LEU B 106 15.25 6.27 7.90
C LEU B 106 15.23 7.70 7.47
N PHE B 107 14.07 8.17 7.04
CA PHE B 107 13.94 9.55 6.58
C PHE B 107 13.49 10.52 7.64
N ILE B 108 14.24 11.61 7.78
CA ILE B 108 13.89 12.73 8.63
C ILE B 108 13.10 13.68 7.75
N GLN B 109 11.80 13.50 7.71
CA GLN B 109 10.92 14.21 6.76
C GLN B 109 10.69 15.69 7.13
N ASN B 110 11.00 16.05 8.37
CA ASN B 110 10.71 17.39 8.89
C ASN B 110 11.71 18.44 8.45
N ALA B 111 12.56 18.08 7.50
CA ALA B 111 13.66 18.95 7.10
C ALA B 111 13.17 20.33 6.73
N GLY B 112 13.64 21.33 7.45
CA GLY B 112 13.28 22.73 7.15
C GLY B 112 13.97 23.75 8.03
N TRP B 113 13.61 25.01 7.81
CA TRP B 113 14.20 26.14 8.50
C TRP B 113 13.46 26.52 9.77
N VAL B 114 14.17 26.55 10.89
CA VAL B 114 13.61 26.96 12.19
C VAL B 114 13.44 28.49 12.27
N ASP B 115 12.26 28.94 12.70
CA ASP B 115 11.95 30.38 12.78
C ASP B 115 12.91 31.08 13.73
N PRO B 116 13.39 32.29 13.36
CA PRO B 116 14.17 33.06 14.31
C PRO B 116 13.39 33.26 15.55
N GLY B 117 14.06 33.16 16.69
CA GLY B 117 13.37 33.38 17.97
C GLY B 117 12.78 32.10 18.54
N PHE B 118 12.90 30.97 17.81
CA PHE B 118 12.34 29.72 18.30
C PHE B 118 13.06 29.26 19.55
N ASN B 119 12.29 28.72 20.48
CA ASN B 119 12.79 28.21 21.72
C ASN B 119 12.08 26.89 22.04
N GLY B 120 12.81 25.80 21.98
CA GLY B 120 12.27 24.51 22.33
C GLY B 120 13.12 23.37 21.86
N GLN B 121 12.68 22.16 22.16
CA GLN B 121 13.23 20.97 21.54
C GLN B 121 12.70 20.90 20.13
N ILE B 122 13.34 20.09 19.30
CA ILE B 122 12.94 19.95 17.90
C ILE B 122 12.19 18.64 17.78
N THR B 123 10.99 18.73 17.24
CA THR B 123 10.17 17.57 16.94
C THR B 123 10.57 17.02 15.56
N LEU B 124 10.80 15.71 15.50
CA LEU B 124 11.26 15.05 14.29
C LEU B 124 10.19 14.15 13.72
N GLU B 125 10.14 14.13 12.40
CA GLU B 125 9.23 13.28 11.69
C GLU B 125 10.01 12.10 11.09
N LEU B 126 9.88 10.93 11.70
CA LEU B 126 10.61 9.74 11.29
C LEU B 126 9.77 8.81 10.42
N PHE B 127 10.34 8.37 9.30
CA PHE B 127 9.67 7.43 8.45
C PHE B 127 10.62 6.32 8.06
N ASN B 128 10.21 5.08 8.33
CA ASN B 128 11.00 3.94 7.96
C ASN B 128 10.59 3.51 6.58
N ALA B 129 11.42 3.79 5.59
CA ALA B 129 11.09 3.48 4.23
C ALA B 129 11.55 2.10 3.77
N ASN B 130 12.07 1.28 4.68
CA ASN B 130 12.48 -0.08 4.31
C ASN B 130 11.34 -1.07 4.48
N ARG B 131 11.56 -2.31 4.03
CA ARG B 131 10.68 -3.42 4.34
C ARG B 131 11.04 -4.15 5.62
N LEU B 132 12.12 -3.74 6.27
CA LEU B 132 12.50 -4.29 7.56
C LEU B 132 12.30 -3.27 8.65
N PRO B 133 12.03 -3.74 9.87
CA PRO B 133 12.06 -2.82 10.98
C PRO B 133 13.46 -2.23 11.22
N ILE B 134 13.51 -1.03 11.78
CA ILE B 134 14.75 -0.39 12.21
C ILE B 134 14.79 -0.24 13.70
N GLU B 135 15.91 -0.57 14.31
CA GLU B 135 16.16 -0.31 15.73
C GLU B 135 16.85 1.02 15.88
N LEU B 136 16.15 2.02 16.41
CA LEU B 136 16.74 3.33 16.66
C LEU B 136 17.30 3.35 18.08
N PRO B 137 18.60 3.60 18.23
CA PRO B 137 19.12 3.76 19.57
C PRO B 137 18.93 5.18 20.13
N ILE B 138 18.35 5.22 21.33
CA ILE B 138 18.08 6.47 22.02
C ILE B 138 19.42 7.17 22.34
N GLY B 139 19.48 8.48 22.16
CA GLY B 139 20.69 9.24 22.49
C GLY B 139 21.77 9.29 21.42
N ARG B 140 21.55 8.62 20.31
CA ARG B 140 22.46 8.66 19.19
C ARG B 140 22.19 9.90 18.35
N ARG B 141 23.22 10.38 17.67
CA ARG B 141 23.08 11.55 16.78
C ARG B 141 22.30 11.17 15.54
N ILE B 142 21.17 11.84 15.35
CA ILE B 142 20.11 11.47 14.40
C ILE B 142 19.91 12.52 13.30
N CYS B 143 20.22 13.78 13.60
CA CYS B 143 20.01 14.88 12.67
C CYS B 143 21.02 15.98 12.97
N GLN B 144 20.93 17.08 12.24
CA GLN B 144 21.84 18.20 12.47
C GLN B 144 21.20 19.51 12.09
N LEU B 145 21.76 20.61 12.61
CA LEU B 145 21.32 21.96 12.29
C LEU B 145 22.36 22.71 11.52
N VAL B 146 21.95 23.42 10.49
CA VAL B 146 22.83 24.25 9.69
C VAL B 146 22.36 25.68 9.86
N PHE B 147 23.23 26.54 10.38
CA PHE B 147 22.81 27.87 10.74
C PHE B 147 23.07 28.87 9.66
N ALA B 148 22.13 29.81 9.51
CA ALA B 148 22.26 30.91 8.56
C ALA B 148 21.82 32.24 9.21
N GLU B 149 22.47 33.32 8.81
CA GLU B 149 22.11 34.64 9.29
C GLU B 149 20.89 35.18 8.58
N VAL B 150 20.10 35.94 9.31
CA VAL B 150 18.91 36.58 8.78
C VAL B 150 19.13 38.07 8.60
N THR B 151 18.81 38.60 7.43
CA THR B 151 18.93 40.04 7.18
C THR B 151 17.59 40.73 7.41
N GLY B 152 17.64 41.88 8.06
CA GLY B 152 16.47 42.73 8.20
C GLY B 152 15.83 42.64 9.57
N GLU B 153 14.86 43.49 9.80
CA GLU B 153 14.11 43.52 11.05
C GLU B 153 13.30 42.22 11.14
N VAL B 154 13.24 41.62 12.32
CA VAL B 154 12.57 40.33 12.50
C VAL B 154 11.48 40.40 13.55
N ALA B 155 10.29 39.97 13.20
CA ALA B 155 9.24 39.68 14.19
C ALA B 155 9.40 38.24 14.65
N PRO B 156 9.83 38.03 15.91
CA PRO B 156 10.27 36.66 16.28
C PRO B 156 9.11 35.67 16.40
N TYR B 157 9.46 34.38 16.38
CA TYR B 157 8.47 33.32 16.46
C TYR B 157 7.56 33.46 17.69
N GLN B 158 6.26 33.54 17.42
CA GLN B 158 5.24 33.63 18.46
C GLN B 158 4.18 32.55 18.22
N GLY B 159 4.55 31.44 17.58
CA GLY B 159 3.58 30.48 17.09
C GLY B 159 3.23 29.36 18.06
N LYS B 160 2.65 28.30 17.51
CA LYS B 160 2.05 27.23 18.28
C LYS B 160 3.05 26.49 19.16
N TYR B 161 4.29 26.36 18.69
CA TYR B 161 5.24 25.41 19.28
C TYR B 161 6.33 26.03 20.17
N LEU B 162 6.13 27.27 20.59
CA LEU B 162 7.05 27.90 21.52
C LEU B 162 7.14 27.10 22.82
N PHE B 163 8.37 26.85 23.27
CA PHE B 163 8.68 26.12 24.50
C PHE B 163 8.32 24.62 24.45
N GLN B 164 8.16 24.07 23.25
CA GLN B 164 7.76 22.68 23.16
C GLN B 164 8.82 21.76 23.81
N LYS B 165 8.29 20.72 24.45
CA LYS B 165 9.06 19.66 25.09
C LYS B 165 8.44 18.34 24.69
N GLY B 166 9.29 17.36 24.39
CA GLY B 166 8.83 16.10 23.86
C GLY B 166 8.41 16.19 22.40
N ALA B 167 8.31 15.03 21.77
CA ALA B 167 7.60 14.90 20.53
C ALA B 167 6.25 15.57 20.71
N THR B 168 6.00 16.57 19.89
CA THR B 168 4.85 17.43 20.07
C THR B 168 3.92 17.25 18.84
N MET B 169 2.73 16.77 19.12
CA MET B 169 1.71 16.57 18.13
C MET B 169 1.35 17.86 17.39
N SER B 170 0.98 17.75 16.12
CA SER B 170 0.50 18.90 15.36
C SER B 170 -0.66 19.63 16.03
N GLU B 171 -0.62 20.96 15.98
CA GLU B 171 -1.75 21.78 16.41
C GLU B 171 -2.26 22.61 15.23
N ILE B 172 -2.20 22.02 14.05
CA ILE B 172 -2.66 22.66 12.80
C ILE B 172 -4.09 23.23 12.89
N TYR B 173 -4.97 22.54 13.62
CA TYR B 173 -6.35 22.99 13.84
C TYR B 173 -6.46 24.36 14.55
N LYS B 174 -5.39 24.86 15.14
CA LYS B 174 -5.39 26.20 15.69
C LYS B 174 -5.09 27.33 14.69
N ASP B 175 -4.74 27.02 13.45
CA ASP B 175 -4.58 28.05 12.42
C ASP B 175 -5.72 29.06 12.47
N ALA B 176 -5.42 30.34 12.43
CA ALA B 176 -6.46 31.37 12.33
C ALA B 176 -7.09 31.45 10.93
N PHE B 177 -6.38 30.95 9.92
CA PHE B 177 -6.82 31.02 8.51
C PHE B 177 -5.97 30.01 7.72
N MET C 1 26.16 33.99 0.79
CA MET C 1 25.10 34.12 -0.26
C MET C 1 25.05 32.83 -1.07
N ILE C 2 23.97 32.56 -1.81
CA ILE C 2 23.94 31.45 -2.75
C ILE C 2 24.73 31.90 -3.96
N LEU C 3 25.56 31.02 -4.48
CA LEU C 3 26.30 31.27 -5.71
C LEU C 3 25.43 31.17 -6.97
N SER C 4 25.51 32.16 -7.85
CA SER C 4 24.89 32.04 -9.15
C SER C 4 25.60 30.94 -9.95
N GLY C 5 24.92 30.44 -10.95
CA GLY C 5 25.50 29.48 -11.87
C GLY C 5 26.78 30.00 -12.48
N LYS C 6 26.77 31.26 -12.89
CA LYS C 6 27.94 31.85 -13.51
C LYS C 6 29.12 31.84 -12.55
N THR C 7 28.86 32.14 -11.28
CA THR C 7 29.90 32.13 -10.28
C THR C 7 30.43 30.73 -10.09
N ILE C 8 29.54 29.75 -10.05
CA ILE C 8 29.96 28.37 -9.99
C ILE C 8 30.91 28.03 -11.15
N SER C 9 30.57 28.45 -12.37
CA SER C 9 31.45 28.24 -13.54
C SER C 9 32.84 28.81 -13.40
N GLU C 10 32.89 30.05 -12.93
CA GLU C 10 34.15 30.72 -12.72
C GLU C 10 35.01 29.90 -11.76
N LYS C 11 34.43 29.51 -10.64
CA LYS C 11 35.17 28.84 -9.57
C LYS C 11 35.65 27.48 -10.03
N LEU C 12 34.87 26.83 -10.89
CA LEU C 12 35.30 25.59 -11.51
C LEU C 12 36.49 25.76 -12.41
N THR C 13 36.41 26.76 -13.26
CA THR C 13 37.51 27.02 -14.17
C THR C 13 38.78 27.37 -13.44
N GLU C 14 38.67 28.09 -12.33
CA GLU C 14 39.84 28.44 -11.53
C GLU C 14 40.22 27.40 -10.52
N LYS C 15 39.50 26.27 -10.53
CA LYS C 15 39.76 25.11 -9.64
C LYS C 15 39.61 25.41 -8.19
N GLU C 16 38.85 26.44 -7.85
CA GLU C 16 38.47 26.70 -6.45
C GLU C 16 37.55 25.58 -5.98
N LEU C 17 36.86 25.01 -6.94
CA LEU C 17 35.83 23.99 -6.73
C LEU C 17 36.00 23.00 -7.84
N GLU C 18 35.83 21.71 -7.55
CA GLU C 18 35.94 20.71 -8.59
C GLU C 18 34.65 19.93 -8.63
N ILE C 19 34.15 19.74 -9.84
CA ILE C 19 33.05 18.84 -10.11
C ILE C 19 33.38 18.22 -11.45
N THR C 20 33.55 16.91 -11.46
CA THR C 20 34.05 16.25 -12.62
C THR C 20 33.53 14.82 -12.71
N PRO C 21 33.21 14.35 -13.93
CA PRO C 21 33.18 15.03 -15.22
C PRO C 21 31.93 15.86 -15.31
N LEU C 22 31.96 16.90 -16.15
CA LEU C 22 30.91 17.88 -16.18
C LEU C 22 30.73 18.49 -17.57
N THR C 23 29.49 18.67 -18.03
CA THR C 23 29.20 19.45 -19.26
C THR C 23 28.67 20.82 -18.83
N GLU C 24 28.98 21.82 -19.64
CA GLU C 24 28.63 23.21 -19.31
C GLU C 24 27.14 23.43 -19.14
N GLU C 25 26.33 22.63 -19.82
CA GLU C 25 24.90 22.80 -19.78
C GLU C 25 24.27 22.25 -18.48
N GLN C 26 25.05 21.50 -17.70
CA GLN C 26 24.61 21.11 -16.35
C GLN C 26 24.51 22.32 -15.41
N ILE C 27 25.15 23.43 -15.79
CA ILE C 27 25.12 24.67 -15.00
C ILE C 27 23.74 25.34 -15.16
N GLN C 28 23.12 25.71 -14.04
CA GLN C 28 21.77 26.26 -14.03
C GLN C 28 21.78 27.66 -13.43
N PRO C 29 20.64 28.34 -13.39
CA PRO C 29 20.64 29.69 -12.84
C PRO C 29 21.34 29.90 -11.49
N ALA C 30 21.11 29.01 -10.54
CA ALA C 30 21.80 29.08 -9.25
C ALA C 30 22.00 27.68 -8.68
N SER C 31 22.41 26.77 -9.54
CA SER C 31 22.63 25.38 -9.15
C SER C 31 23.41 24.68 -10.23
N VAL C 32 23.84 23.45 -9.97
CA VAL C 32 24.40 22.60 -11.03
C VAL C 32 23.85 21.16 -10.95
N ASP C 33 23.33 20.69 -12.09
CA ASP C 33 22.72 19.38 -12.17
C ASP C 33 23.78 18.29 -12.11
N LEU C 34 23.50 17.21 -11.38
CA LEU C 34 24.35 16.02 -11.38
C LEU C 34 23.61 14.81 -11.94
N ARG C 35 24.37 13.81 -12.37
CA ARG C 35 23.84 12.68 -13.11
C ARG C 35 23.92 11.39 -12.34
N LEU C 36 23.02 10.49 -12.67
CA LEU C 36 22.91 9.20 -12.01
C LEU C 36 23.98 8.29 -12.53
N GLY C 37 24.76 7.70 -11.63
CA GLY C 37 25.77 6.70 -11.98
C GLY C 37 25.23 5.30 -12.10
N PRO C 38 26.09 4.35 -12.47
CA PRO C 38 25.66 2.99 -12.76
C PRO C 38 25.69 2.07 -11.57
N HIS C 39 26.06 2.58 -10.41
CA HIS C 39 26.35 1.75 -9.26
C HIS C 39 25.27 1.88 -8.19
N PHE C 40 24.88 0.74 -7.62
CA PHE C 40 23.72 0.69 -6.71
C PHE C 40 23.94 -0.24 -5.53
N VAL C 41 23.27 0.06 -4.43
CA VAL C 41 23.38 -0.72 -3.22
C VAL C 41 21.99 -0.88 -2.65
N THR C 42 21.66 -2.10 -2.25
CA THR C 42 20.44 -2.35 -1.54
C THR C 42 20.70 -3.21 -0.30
N ILE C 43 19.88 -3.02 0.72
CA ILE C 43 20.00 -3.82 1.91
C ILE C 43 19.68 -5.30 1.61
N ASP C 44 20.50 -6.21 2.11
CA ASP C 44 20.29 -7.63 1.85
C ASP C 44 19.22 -8.22 2.77
N ASP C 45 18.00 -8.06 2.31
CA ASP C 45 16.78 -8.68 2.88
C ASP C 45 16.77 -10.17 3.08
N SER C 46 17.63 -10.89 2.38
CA SER C 46 17.74 -12.34 2.57
C SER C 46 18.66 -12.69 3.75
N LYS C 47 19.50 -11.76 4.17
CA LYS C 47 20.41 -12.01 5.30
C LYS C 47 20.11 -11.20 6.58
N GLU C 48 19.42 -10.08 6.46
CA GLU C 48 19.09 -9.25 7.60
C GLU C 48 17.59 -9.31 7.87
N ALA C 49 17.22 -9.45 9.14
CA ALA C 49 15.83 -9.37 9.59
C ALA C 49 15.49 -7.98 10.15
N VAL C 50 16.50 -7.26 10.62
CA VAL C 50 16.29 -5.99 11.27
C VAL C 50 17.47 -5.07 10.96
N ILE C 51 17.21 -3.78 10.80
CA ILE C 51 18.26 -2.82 10.48
C ILE C 51 18.74 -2.19 11.77
N SER C 52 20.05 -2.07 11.87
CA SER C 52 20.74 -1.69 13.11
C SER C 52 21.68 -0.53 12.86
N PHE C 53 21.87 0.28 13.89
CA PHE C 53 22.83 1.38 13.88
C PHE C 53 24.15 0.97 14.54
N GLU C 54 24.23 -0.25 15.04
CA GLU C 54 25.28 -0.63 15.94
C GLU C 54 26.27 -1.62 15.35
N ARG C 55 26.00 -2.11 14.15
CA ARG C 55 26.87 -3.04 13.46
C ARG C 55 26.64 -2.86 11.97
N PRO C 56 27.57 -3.37 11.14
CA PRO C 56 27.32 -3.37 9.71
C PRO C 56 26.16 -4.25 9.28
N ILE C 57 25.51 -3.82 8.21
CA ILE C 57 24.34 -4.43 7.69
C ILE C 57 24.75 -5.00 6.35
N ARG C 58 24.34 -6.21 6.08
CA ARG C 58 24.73 -6.84 4.84
C ARG C 58 23.96 -6.18 3.70
N TYR C 59 24.61 -6.12 2.54
CA TYR C 59 24.01 -5.48 1.41
C TYR C 59 24.49 -6.09 0.12
N ARG C 60 23.72 -5.85 -0.93
CA ARG C 60 24.12 -6.22 -2.27
C ARG C 60 24.46 -4.97 -3.02
N GLU C 61 25.55 -5.03 -3.77
CA GLU C 61 25.97 -3.91 -4.55
C GLU C 61 26.20 -4.39 -5.96
N TRP C 62 25.89 -3.55 -6.94
CA TRP C 62 26.17 -3.91 -8.31
C TRP C 62 26.29 -2.71 -9.22
N THR C 63 27.02 -2.92 -10.31
CA THR C 63 27.18 -1.92 -11.35
C THR C 63 26.44 -2.48 -12.53
N THR C 64 25.53 -1.69 -13.09
CA THR C 64 24.79 -2.15 -14.25
C THR C 64 25.44 -1.64 -15.54
N SER C 65 25.38 -2.46 -16.57
CA SER C 65 25.77 -2.08 -17.91
C SER C 65 24.55 -1.71 -18.72
N ASP C 66 23.37 -1.90 -18.15
CA ASP C 66 22.13 -1.58 -18.86
C ASP C 66 21.93 -0.08 -18.87
N GLU C 67 21.10 0.37 -19.79
CA GLU C 67 20.76 1.78 -19.89
C GLU C 67 19.86 2.25 -18.76
N THR C 68 19.06 1.35 -18.21
CA THR C 68 18.17 1.67 -17.11
C THR C 68 18.20 0.62 -16.01
N ILE C 69 17.67 1.04 -14.88
CA ILE C 69 17.48 0.20 -13.72
C ILE C 69 16.01 0.38 -13.33
N VAL C 70 15.41 -0.69 -12.77
CA VAL C 70 14.04 -0.66 -12.24
C VAL C 70 14.00 -0.56 -10.71
N LEU C 71 13.31 0.46 -10.21
CA LEU C 71 13.08 0.64 -8.77
C LEU C 71 11.63 0.31 -8.49
N PRO C 72 11.37 -0.79 -7.77
CA PRO C 72 9.99 -1.19 -7.61
C PRO C 72 9.23 -0.27 -6.67
N PRO C 73 7.91 -0.37 -6.65
CA PRO C 73 7.07 0.54 -5.86
C PRO C 73 7.46 0.51 -4.38
N HIS C 74 7.41 1.67 -3.72
CA HIS C 74 7.65 1.76 -2.28
C HIS C 74 8.97 1.12 -1.84
N THR C 75 9.98 1.26 -2.69
CA THR C 75 11.28 0.66 -2.46
C THR C 75 12.30 1.77 -2.35
N PHE C 76 13.28 1.51 -1.50
CA PHE C 76 14.36 2.42 -1.21
C PHE C 76 15.65 1.84 -1.79
N LEU C 77 16.46 2.68 -2.40
CA LEU C 77 17.68 2.22 -3.06
C LEU C 77 18.79 3.29 -2.93
N LEU C 78 20.03 2.84 -2.71
CA LEU C 78 21.16 3.74 -2.72
C LEU C 78 21.81 3.78 -4.08
N ALA C 79 22.11 4.99 -4.51
CA ALA C 79 22.72 5.25 -5.80
C ALA C 79 23.86 6.26 -5.61
N THR C 80 24.47 6.67 -6.72
CA THR C 80 25.55 7.64 -6.67
C THR C 80 25.49 8.57 -7.85
N THR C 81 26.14 9.71 -7.70
CA THR C 81 26.33 10.59 -8.83
C THR C 81 27.52 10.11 -9.64
N MET C 82 27.52 10.42 -10.93
CA MET C 82 28.68 10.20 -11.78
C MET C 82 29.77 11.13 -11.33
N GLU C 83 29.39 12.31 -10.86
CA GLU C 83 30.32 13.38 -10.62
C GLU C 83 31.03 13.18 -9.30
N THR C 84 32.33 13.45 -9.30
CA THR C 84 33.08 13.57 -8.07
C THR C 84 33.13 15.06 -7.78
N VAL C 85 32.93 15.42 -6.51
CA VAL C 85 32.86 16.79 -6.10
C VAL C 85 33.95 17.03 -5.07
N LYS C 86 34.67 18.13 -5.21
CA LYS C 86 35.59 18.55 -4.18
C LYS C 86 35.32 19.97 -3.74
N LEU C 87 34.94 20.13 -2.48
CA LEU C 87 34.63 21.45 -1.93
C LEU C 87 35.77 22.00 -1.13
N PRO C 88 36.10 23.29 -1.35
CA PRO C 88 37.06 23.92 -0.48
C PRO C 88 36.42 24.20 0.88
N ASN C 89 37.20 24.73 1.81
CA ASN C 89 36.73 24.94 3.16
C ASN C 89 35.67 26.00 3.31
N HIS C 90 35.53 26.88 2.33
CA HIS C 90 34.65 28.02 2.50
C HIS C 90 33.35 27.91 1.71
N LEU C 91 33.06 26.71 1.18
CA LEU C 91 31.81 26.46 0.47
C LEU C 91 31.12 25.24 1.02
N THR C 92 29.79 25.28 0.97
CA THR C 92 28.96 24.14 1.29
C THR C 92 27.96 24.04 0.15
N ALA C 93 27.30 22.90 0.02
CA ALA C 93 26.36 22.69 -1.08
C ALA C 93 25.16 21.88 -0.66
N PHE C 94 23.99 22.34 -1.06
CA PHE C 94 22.74 21.67 -0.76
C PHE C 94 22.36 20.74 -1.90
N VAL C 95 22.26 19.46 -1.61
CA VAL C 95 21.86 18.49 -2.62
C VAL C 95 20.33 18.29 -2.56
N GLU C 96 19.72 18.32 -3.73
CA GLU C 96 18.29 18.14 -3.86
C GLU C 96 17.96 17.55 -5.20
N GLY C 97 16.77 17.01 -5.30
CA GLY C 97 16.31 16.42 -6.54
C GLY C 97 15.94 17.51 -7.49
N ARG C 98 15.79 17.14 -8.75
CA ARG C 98 15.25 18.02 -9.75
C ARG C 98 13.75 17.91 -9.71
N SER C 99 13.07 19.04 -9.85
CA SER C 99 11.61 19.03 -9.79
C SER C 99 10.97 18.00 -10.73
N SER C 100 11.53 17.82 -11.93
CA SER C 100 10.95 16.92 -12.93
C SER C 100 10.97 15.51 -12.42
N VAL C 101 11.93 15.19 -11.59
CA VAL C 101 12.08 13.86 -11.08
C VAL C 101 11.15 13.59 -9.91
N GLY C 102 11.11 14.52 -8.97
CA GLY C 102 10.24 14.43 -7.82
C GLY C 102 8.78 14.38 -8.22
N ARG C 103 8.45 15.02 -9.31
CA ARG C 103 7.07 15.02 -9.77
C ARG C 103 6.61 13.68 -10.26
N LEU C 104 7.54 12.77 -10.55
CA LEU C 104 7.19 11.39 -10.93
C LEU C 104 7.26 10.44 -9.75
N GLY C 105 7.25 10.98 -8.54
CA GLY C 105 7.27 10.16 -7.34
C GLY C 105 8.59 9.54 -7.00
N LEU C 106 9.67 9.98 -7.65
CA LEU C 106 10.98 9.54 -7.23
C LEU C 106 11.57 10.57 -6.30
N PHE C 107 11.65 10.23 -5.01
CA PHE C 107 12.19 11.16 -4.03
C PHE C 107 13.66 10.97 -3.76
N ILE C 108 14.40 12.07 -3.86
CA ILE C 108 15.77 12.12 -3.44
C ILE C 108 15.79 12.50 -1.97
N GLN C 109 15.77 11.51 -1.08
CA GLN C 109 15.59 11.75 0.36
C GLN C 109 16.80 12.28 1.08
N ASN C 110 17.95 12.17 0.43
CA ASN C 110 19.21 12.54 1.05
C ASN C 110 19.44 14.06 1.10
N ALA C 111 18.39 14.85 0.80
CA ALA C 111 18.52 16.28 0.60
C ALA C 111 19.18 16.91 1.81
N GLY C 112 20.34 17.54 1.61
CA GLY C 112 21.03 18.20 2.71
C GLY C 112 22.31 18.90 2.31
N TRP C 113 22.96 19.52 3.29
CA TRP C 113 24.13 20.35 3.07
C TRP C 113 25.43 19.52 3.17
N VAL C 114 26.24 19.58 2.11
CA VAL C 114 27.55 18.90 2.08
C VAL C 114 28.56 19.67 2.93
N ASP C 115 29.26 18.96 3.79
CA ASP C 115 30.28 19.56 4.64
C ASP C 115 31.38 20.25 3.81
N PRO C 116 31.82 21.46 4.22
CA PRO C 116 32.98 22.06 3.60
C PRO C 116 34.15 21.10 3.66
N GLY C 117 34.91 21.04 2.58
CA GLY C 117 36.07 20.18 2.54
C GLY C 117 35.74 18.81 2.05
N PHE C 118 34.47 18.52 1.78
CA PHE C 118 34.08 17.17 1.32
C PHE C 118 34.68 16.88 -0.04
N ASN C 119 35.13 15.64 -0.20
CA ASN C 119 35.72 15.20 -1.44
C ASN C 119 35.22 13.80 -1.74
N GLY C 120 34.41 13.69 -2.79
CA GLY C 120 33.90 12.40 -3.21
C GLY C 120 32.72 12.50 -4.16
N GLN C 121 32.23 11.36 -4.60
CA GLN C 121 30.95 11.29 -5.28
C GLN C 121 29.87 11.45 -4.22
N ILE C 122 28.66 11.75 -4.67
CA ILE C 122 27.52 11.96 -3.76
C ILE C 122 26.63 10.73 -3.79
N THR C 123 26.41 10.15 -2.62
CA THR C 123 25.54 9.00 -2.48
C THR C 123 24.09 9.47 -2.32
N LEU C 124 23.20 8.89 -3.10
CA LEU C 124 21.81 9.34 -3.17
C LEU C 124 20.90 8.30 -2.59
N GLU C 125 19.87 8.78 -1.91
CA GLU C 125 18.87 7.93 -1.29
C GLU C 125 17.63 8.05 -2.11
N LEU C 126 17.36 7.02 -2.91
CA LEU C 126 16.21 7.03 -3.82
C LEU C 126 15.04 6.27 -3.25
N PHE C 127 13.86 6.88 -3.31
CA PHE C 127 12.67 6.22 -2.88
C PHE C 127 11.59 6.36 -3.93
N ASN C 128 11.04 5.23 -4.37
CA ASN C 128 9.92 5.22 -5.29
C ASN C 128 8.63 5.23 -4.51
N ALA C 129 7.98 6.38 -4.50
CA ALA C 129 6.75 6.54 -3.74
C ALA C 129 5.49 6.20 -4.52
N ASN C 130 5.61 5.70 -5.74
CA ASN C 130 4.46 5.31 -6.53
C ASN C 130 4.05 3.86 -6.27
N ARG C 131 2.91 3.47 -6.83
CA ARG C 131 2.52 2.07 -6.86
C ARG C 131 3.04 1.32 -8.07
N LEU C 132 3.71 2.01 -8.97
CA LEU C 132 4.31 1.38 -10.14
C LEU C 132 5.82 1.42 -10.04
N PRO C 133 6.49 0.47 -10.67
CA PRO C 133 7.93 0.56 -10.76
C PRO C 133 8.36 1.76 -11.63
N ILE C 134 9.54 2.29 -11.34
CA ILE C 134 10.13 3.35 -12.14
C ILE C 134 11.38 2.83 -12.84
N GLU C 135 11.51 3.13 -14.13
CA GLU C 135 12.73 2.87 -14.89
C GLU C 135 13.65 4.09 -14.82
N LEU C 136 14.75 4.00 -14.09
CA LEU C 136 15.72 5.12 -13.98
C LEU C 136 16.76 5.01 -15.02
N PRO C 137 16.92 6.05 -15.84
CA PRO C 137 17.95 5.91 -16.87
C PRO C 137 19.30 6.40 -16.33
N ILE C 138 20.29 5.56 -16.50
CA ILE C 138 21.64 5.86 -16.07
C ILE C 138 22.17 7.05 -16.86
N GLY C 139 22.90 7.93 -16.19
CA GLY C 139 23.55 9.07 -16.86
C GLY C 139 22.67 10.28 -17.05
N ARG C 140 21.41 10.19 -16.66
CA ARG C 140 20.52 11.32 -16.75
C ARG C 140 20.65 12.21 -15.55
N ARG C 141 20.30 13.48 -15.72
CA ARG C 141 20.36 14.44 -14.62
C ARG C 141 19.24 14.19 -13.64
N ILE C 142 19.63 13.92 -12.40
CA ILE C 142 18.77 13.35 -11.35
C ILE C 142 18.63 14.28 -10.16
N CYS C 143 19.63 15.12 -9.91
CA CYS C 143 19.64 15.99 -8.74
C CYS C 143 20.47 17.21 -9.05
N GLN C 144 20.65 18.10 -8.08
CA GLN C 144 21.43 19.28 -8.29
C GLN C 144 22.02 19.78 -6.99
N LEU C 145 23.09 20.57 -7.09
CA LEU C 145 23.74 21.20 -5.95
C LEU C 145 23.54 22.72 -5.96
N VAL C 146 23.22 23.28 -4.80
CA VAL C 146 23.08 24.70 -4.64
C VAL C 146 24.19 25.12 -3.69
N PHE C 147 25.07 26.01 -4.16
CA PHE C 147 26.26 26.37 -3.38
C PHE C 147 26.07 27.60 -2.56
N ALA C 148 26.61 27.55 -1.36
CA ALA C 148 26.58 28.68 -0.43
C ALA C 148 27.94 28.90 0.21
N GLU C 149 28.26 30.15 0.49
CA GLU C 149 29.50 30.50 1.15
C GLU C 149 29.39 30.22 2.63
N VAL C 150 30.52 29.86 3.20
CA VAL C 150 30.61 29.66 4.65
C VAL C 150 31.42 30.79 5.28
N THR C 151 30.86 31.42 6.33
CA THR C 151 31.51 32.52 7.00
C THR C 151 32.23 31.95 8.27
N GLY C 152 33.47 32.35 8.51
CA GLY C 152 34.21 31.95 9.70
C GLY C 152 35.24 30.86 9.44
N GLU C 153 36.03 30.59 10.46
CA GLU C 153 37.07 29.58 10.36
C GLU C 153 36.41 28.23 10.25
N VAL C 154 36.94 27.37 9.42
CA VAL C 154 36.36 26.07 9.20
C VAL C 154 37.31 24.95 9.55
N ALA C 155 36.86 24.01 10.36
CA ALA C 155 37.51 22.70 10.47
C ALA C 155 36.92 21.78 9.41
N PRO C 156 37.71 21.44 8.37
CA PRO C 156 37.11 20.73 7.24
C PRO C 156 36.67 19.30 7.54
N TYR C 157 35.84 18.76 6.65
CA TYR C 157 35.30 17.44 6.81
C TYR C 157 36.42 16.39 6.96
N GLN C 158 36.36 15.67 8.08
CA GLN C 158 37.25 14.57 8.38
C GLN C 158 36.45 13.32 8.76
N GLY C 159 35.24 13.18 8.21
CA GLY C 159 34.35 12.10 8.64
C GLY C 159 34.48 10.79 7.90
N LYS C 160 33.44 9.97 8.05
CA LYS C 160 33.41 8.61 7.53
C LYS C 160 33.55 8.52 6.02
N TYR C 161 32.97 9.48 5.29
CA TYR C 161 32.75 9.33 3.84
C TYR C 161 33.73 10.09 2.91
N LEU C 162 34.86 10.51 3.45
CA LEU C 162 35.90 11.14 2.65
C LEU C 162 36.40 10.18 1.56
N PHE C 163 36.51 10.70 0.33
CA PHE C 163 36.95 9.98 -0.87
C PHE C 163 35.96 8.91 -1.35
N GLN C 164 34.69 9.01 -0.96
CA GLN C 164 33.77 7.92 -1.29
C GLN C 164 33.56 7.82 -2.79
N LYS C 165 33.45 6.57 -3.24
CA LYS C 165 33.22 6.23 -4.62
C LYS C 165 32.11 5.19 -4.62
N GLY C 166 31.19 5.30 -5.57
CA GLY C 166 30.04 4.41 -5.63
C GLY C 166 29.02 4.79 -4.57
N ALA C 167 27.82 4.28 -4.76
CA ALA C 167 26.84 4.20 -3.70
C ALA C 167 27.53 3.58 -2.50
N THR C 168 27.59 4.34 -1.41
CA THR C 168 28.37 3.99 -0.23
C THR C 168 27.43 3.74 0.96
N MET C 169 27.44 2.51 1.42
CA MET C 169 26.59 2.07 2.50
C MET C 169 26.86 2.89 3.76
N SER C 170 25.84 3.09 4.58
CA SER C 170 26.02 3.75 5.88
C SER C 170 27.10 3.11 6.75
N GLU C 171 27.90 3.95 7.38
CA GLU C 171 28.86 3.49 8.38
C GLU C 171 28.54 4.09 9.74
N ILE C 172 27.23 4.26 10.00
CA ILE C 172 26.70 4.81 11.28
C ILE C 172 27.26 4.09 12.52
N TYR C 173 27.49 2.78 12.40
CA TYR C 173 28.07 1.98 13.48
C TYR C 173 29.48 2.43 13.89
N LYS C 174 30.13 3.28 13.09
CA LYS C 174 31.43 3.84 13.49
C LYS C 174 31.36 5.11 14.32
N ASP C 175 30.17 5.65 14.57
CA ASP C 175 30.04 6.78 15.49
C ASP C 175 30.82 6.50 16.76
N ALA C 176 31.55 7.49 17.25
CA ALA C 176 31.92 7.51 18.64
C ALA C 176 30.76 8.27 19.28
N PHE C 177 30.59 8.05 20.58
CA PHE C 177 29.50 8.64 21.37
C PHE C 177 28.23 8.82 20.51
N MET D 1 -27.45 -31.51 -8.28
CA MET D 1 -26.13 -31.97 -8.79
C MET D 1 -25.48 -30.79 -9.49
N ILE D 2 -24.16 -30.81 -9.69
CA ILE D 2 -23.49 -29.84 -10.55
C ILE D 2 -23.72 -30.25 -11.98
N LEU D 3 -24.03 -29.28 -12.84
CA LEU D 3 -24.28 -29.55 -14.24
C LEU D 3 -23.01 -29.76 -15.02
N SER D 4 -22.96 -30.80 -15.83
CA SER D 4 -21.84 -30.99 -16.73
C SER D 4 -21.86 -29.89 -17.77
N GLY D 5 -20.71 -29.65 -18.38
CA GLY D 5 -20.62 -28.71 -19.47
C GLY D 5 -21.59 -29.03 -20.58
N LYS D 6 -21.71 -30.30 -20.91
CA LYS D 6 -22.64 -30.71 -21.95
C LYS D 6 -24.09 -30.37 -21.59
N THR D 7 -24.46 -30.57 -20.34
CA THR D 7 -25.78 -30.24 -19.89
C THR D 7 -25.98 -28.73 -20.00
N ILE D 8 -24.98 -27.96 -19.62
CA ILE D 8 -25.05 -26.52 -19.78
C ILE D 8 -25.33 -26.16 -21.23
N SER D 9 -24.62 -26.78 -22.16
CA SER D 9 -24.85 -26.54 -23.59
C SER D 9 -26.29 -26.79 -24.01
N GLU D 10 -26.83 -27.91 -23.57
CA GLU D 10 -28.19 -28.29 -23.93
C GLU D 10 -29.15 -27.21 -23.45
N LYS D 11 -28.98 -26.80 -22.20
CA LYS D 11 -29.89 -25.85 -21.59
C LYS D 11 -29.82 -24.50 -22.25
N LEU D 12 -28.63 -24.13 -22.72
CA LEU D 12 -28.46 -22.94 -23.52
C LEU D 12 -29.24 -23.05 -24.79
N THR D 13 -29.08 -24.17 -25.47
CA THR D 13 -29.69 -24.39 -26.76
C THR D 13 -31.21 -24.35 -26.63
N GLU D 14 -31.73 -24.90 -25.54
CA GLU D 14 -33.16 -24.92 -25.29
C GLU D 14 -33.64 -23.66 -24.60
N LYS D 15 -32.76 -22.69 -24.39
CA LYS D 15 -33.10 -21.41 -23.80
C LYS D 15 -33.63 -21.49 -22.38
N GLU D 16 -33.32 -22.58 -21.69
CA GLU D 16 -33.59 -22.70 -20.26
C GLU D 16 -32.68 -21.70 -19.52
N LEU D 17 -31.53 -21.43 -20.10
CA LEU D 17 -30.49 -20.65 -19.51
C LEU D 17 -29.93 -19.79 -20.65
N GLU D 18 -29.56 -18.56 -20.36
CA GLU D 18 -28.97 -17.70 -21.37
C GLU D 18 -27.65 -17.20 -20.87
N ILE D 19 -26.65 -17.28 -21.74
CA ILE D 19 -25.34 -16.68 -21.51
C ILE D 19 -24.88 -16.17 -22.87
N THR D 20 -24.69 -14.86 -22.96
CA THR D 20 -24.44 -14.25 -24.24
C THR D 20 -23.60 -12.99 -24.11
N PRO D 21 -22.68 -12.72 -25.07
CA PRO D 21 -22.24 -13.56 -26.19
C PRO D 21 -21.31 -14.64 -25.69
N LEU D 22 -21.22 -15.73 -26.43
CA LEU D 22 -20.55 -16.94 -25.95
C LEU D 22 -19.93 -17.72 -27.08
N THR D 23 -18.72 -18.22 -26.89
CA THR D 23 -18.09 -19.16 -27.81
C THR D 23 -18.19 -20.55 -27.23
N GLU D 24 -18.34 -21.57 -28.10
CA GLU D 24 -18.54 -22.94 -27.63
C GLU D 24 -17.36 -23.45 -26.80
N GLU D 25 -16.16 -22.94 -27.03
CA GLU D 25 -14.98 -23.44 -26.33
C GLU D 25 -14.86 -22.85 -24.92
N GLN D 26 -15.70 -21.86 -24.59
CA GLN D 26 -15.83 -21.40 -23.19
C GLN D 26 -16.48 -22.46 -22.29
N ILE D 27 -17.15 -23.45 -22.89
CA ILE D 27 -17.72 -24.57 -22.15
C ILE D 27 -16.65 -25.54 -21.69
N GLN D 28 -16.68 -25.89 -20.41
CA GLN D 28 -15.65 -26.69 -19.78
C GLN D 28 -16.25 -27.95 -19.21
N PRO D 29 -15.43 -28.83 -18.64
CA PRO D 29 -16.01 -30.10 -18.19
C PRO D 29 -17.25 -29.98 -17.27
N ALA D 30 -17.22 -29.04 -16.33
CA ALA D 30 -18.38 -28.81 -15.46
C ALA D 30 -18.44 -27.35 -15.05
N SER D 31 -18.20 -26.48 -16.02
CA SER D 31 -18.25 -25.04 -15.81
C SER D 31 -18.29 -24.34 -17.16
N VAL D 32 -18.49 -23.03 -17.13
CA VAL D 32 -18.33 -22.23 -18.33
C VAL D 32 -17.52 -20.94 -18.05
N ASP D 33 -16.45 -20.75 -18.82
CA ASP D 33 -15.58 -19.60 -18.66
C ASP D 33 -16.27 -18.31 -19.11
N LEU D 34 -16.09 -17.25 -18.34
CA LEU D 34 -16.52 -15.91 -18.75
C LEU D 34 -15.31 -14.98 -18.94
N ARG D 35 -15.54 -13.90 -19.69
CA ARG D 35 -14.47 -13.01 -20.10
C ARG D 35 -14.56 -11.65 -19.47
N LEU D 36 -13.41 -11.02 -19.38
CA LEU D 36 -13.27 -9.72 -18.80
C LEU D 36 -13.74 -8.65 -19.78
N GLY D 37 -14.66 -7.79 -19.33
CA GLY D 37 -15.15 -6.67 -20.14
C GLY D 37 -14.25 -5.45 -20.04
N PRO D 38 -14.61 -4.39 -20.78
CA PRO D 38 -13.78 -3.19 -20.84
C PRO D 38 -14.12 -2.13 -19.80
N HIS D 39 -15.07 -2.42 -18.92
CA HIS D 39 -15.63 -1.40 -18.02
C HIS D 39 -15.21 -1.64 -16.57
N PHE D 40 -14.85 -0.55 -15.88
CA PHE D 40 -14.23 -0.62 -14.58
C PHE D 40 -14.72 0.46 -13.64
N VAL D 41 -14.69 0.17 -12.35
CA VAL D 41 -15.12 1.12 -11.32
C VAL D 41 -14.16 1.05 -10.18
N THR D 42 -13.78 2.20 -9.66
CA THR D 42 -12.97 2.25 -8.47
C THR D 42 -13.54 3.28 -7.49
N ILE D 43 -13.38 3.02 -6.21
CA ILE D 43 -13.79 3.96 -5.20
C ILE D 43 -12.98 5.24 -5.34
N ASP D 44 -13.65 6.39 -5.25
CA ASP D 44 -12.94 7.68 -5.35
C ASP D 44 -12.26 8.04 -4.04
N ASP D 45 -11.07 7.49 -3.91
CA ASP D 45 -10.08 7.83 -2.88
C ASP D 45 -9.68 9.27 -2.69
N SER D 46 -9.91 10.12 -3.68
CA SER D 46 -9.63 11.55 -3.54
C SER D 46 -10.81 12.29 -2.89
N LYS D 47 -12.02 11.68 -2.87
CA LYS D 47 -13.19 12.33 -2.28
C LYS D 47 -13.70 11.69 -1.01
N GLU D 48 -13.44 10.42 -0.80
CA GLU D 48 -13.95 9.69 0.36
C GLU D 48 -12.78 9.39 1.27
N ALA D 49 -12.97 9.64 2.57
CA ALA D 49 -11.97 9.30 3.56
C ALA D 49 -12.28 7.94 4.21
N VAL D 50 -13.55 7.56 4.20
CA VAL D 50 -14.00 6.36 4.87
C VAL D 50 -15.12 5.75 4.05
N ILE D 51 -15.16 4.43 4.02
CA ILE D 51 -16.17 3.71 3.26
C ILE D 51 -17.29 3.37 4.20
N SER D 52 -18.52 3.57 3.73
CA SER D 52 -19.74 3.48 4.55
C SER D 52 -20.74 2.53 3.90
N PHE D 53 -21.55 1.89 4.74
CA PHE D 53 -22.64 1.04 4.29
C PHE D 53 -23.96 1.79 4.33
N GLU D 54 -23.94 3.03 4.78
CA GLU D 54 -25.16 3.75 5.11
C GLU D 54 -25.49 4.89 4.18
N ARG D 55 -24.61 5.21 3.23
CA ARG D 55 -24.85 6.25 2.23
C ARG D 55 -24.07 5.88 0.99
N PRO D 56 -24.37 6.54 -0.14
CA PRO D 56 -23.55 6.29 -1.34
C PRO D 56 -22.12 6.79 -1.19
N ILE D 57 -21.23 6.10 -1.90
CA ILE D 57 -19.83 6.36 -1.93
C ILE D 57 -19.49 6.87 -3.32
N ARG D 58 -18.69 7.92 -3.40
CA ARG D 58 -18.29 8.45 -4.69
C ARG D 58 -17.35 7.43 -5.37
N TYR D 59 -17.42 7.37 -6.69
CA TYR D 59 -16.58 6.47 -7.46
C TYR D 59 -16.25 6.98 -8.84
N ARG D 60 -15.20 6.42 -9.42
CA ARG D 60 -14.85 6.71 -10.80
C ARG D 60 -15.14 5.48 -11.62
N GLU D 61 -15.69 5.69 -12.80
CA GLU D 61 -15.96 4.60 -13.70
C GLU D 61 -15.43 4.94 -15.08
N TRP D 62 -14.94 3.93 -15.80
CA TRP D 62 -14.51 4.16 -17.18
C TRP D 62 -14.52 2.90 -18.02
N THR D 63 -14.63 3.12 -19.32
CA THR D 63 -14.53 2.07 -20.31
C THR D 63 -13.22 2.31 -21.04
N THR D 64 -12.39 1.28 -21.13
CA THR D 64 -11.12 1.42 -21.84
C THR D 64 -11.25 0.91 -23.26
N SER D 65 -10.52 1.55 -24.15
CA SER D 65 -10.36 1.07 -25.53
C SER D 65 -9.04 0.34 -25.68
N ASP D 66 -8.24 0.33 -24.63
CA ASP D 66 -6.92 -0.31 -24.72
C ASP D 66 -7.13 -1.79 -24.63
N GLU D 67 -6.13 -2.52 -25.08
CA GLU D 67 -6.12 -3.96 -25.00
C GLU D 67 -5.95 -4.48 -23.58
N THR D 68 -5.28 -3.71 -22.74
CA THR D 68 -5.08 -4.09 -21.35
C THR D 68 -5.38 -2.95 -20.41
N ILE D 69 -5.53 -3.34 -19.16
CA ILE D 69 -5.64 -2.42 -18.03
C ILE D 69 -4.57 -2.87 -17.01
N VAL D 70 -4.04 -1.91 -16.26
CA VAL D 70 -3.08 -2.18 -15.20
C VAL D 70 -3.77 -2.10 -13.86
N LEU D 71 -3.60 -3.16 -13.07
CA LEU D 71 -4.04 -3.16 -11.68
C LEU D 71 -2.79 -3.12 -10.79
N PRO D 72 -2.60 -2.03 -10.03
CA PRO D 72 -1.37 -1.92 -9.27
C PRO D 72 -1.36 -2.87 -8.09
N PRO D 73 -0.20 -3.07 -7.49
CA PRO D 73 -0.09 -3.96 -6.34
C PRO D 73 -1.08 -3.63 -5.20
N HIS D 74 -1.59 -4.66 -4.52
CA HIS D 74 -2.47 -4.48 -3.36
C HIS D 74 -3.67 -3.54 -3.59
N THR D 75 -4.20 -3.58 -4.80
CA THR D 75 -5.25 -2.68 -5.19
C THR D 75 -6.47 -3.51 -5.55
N PHE D 76 -7.62 -2.93 -5.26
CA PHE D 76 -8.90 -3.55 -5.46
C PHE D 76 -9.60 -2.81 -6.57
N LEU D 77 -10.24 -3.54 -7.45
CA LEU D 77 -10.92 -2.94 -8.59
C LEU D 77 -12.20 -3.69 -8.95
N LEU D 78 -13.26 -2.95 -9.32
CA LEU D 78 -14.48 -3.57 -9.83
C LEU D 78 -14.47 -3.67 -11.34
N ALA D 79 -14.84 -4.84 -11.84
CA ALA D 79 -14.89 -5.12 -13.25
C ALA D 79 -16.19 -5.81 -13.59
N THR D 80 -16.33 -6.23 -14.84
CA THR D 80 -17.52 -6.94 -15.28
C THR D 80 -17.18 -7.99 -16.29
N THR D 81 -18.10 -8.94 -16.44
CA THR D 81 -17.99 -9.91 -17.50
C THR D 81 -18.52 -9.30 -18.75
N MET D 82 -18.04 -9.77 -19.89
CA MET D 82 -18.63 -9.43 -21.17
C MET D 82 -20.03 -10.06 -21.27
N GLU D 83 -20.17 -11.23 -20.67
CA GLU D 83 -21.35 -12.01 -20.83
C GLU D 83 -22.50 -11.49 -19.97
N THR D 84 -23.69 -11.48 -20.55
CA THR D 84 -24.92 -11.31 -19.77
C THR D 84 -25.45 -12.72 -19.51
N VAL D 85 -25.86 -12.96 -18.28
CA VAL D 85 -26.38 -14.30 -17.91
C VAL D 85 -27.83 -14.15 -17.43
N LYS D 86 -28.66 -15.08 -17.83
CA LYS D 86 -29.99 -15.17 -17.29
C LYS D 86 -30.26 -16.57 -16.74
N LEU D 87 -30.53 -16.64 -15.44
CA LEU D 87 -30.83 -17.90 -14.77
C LEU D 87 -32.31 -18.11 -14.56
N PRO D 88 -32.79 -19.34 -14.80
CA PRO D 88 -34.15 -19.69 -14.46
C PRO D 88 -34.24 -19.97 -12.97
N ASN D 89 -35.43 -20.27 -12.50
CA ASN D 89 -35.66 -20.32 -11.08
C ASN D 89 -35.06 -21.52 -10.40
N HIS D 90 -34.70 -22.53 -11.17
CA HIS D 90 -34.23 -23.77 -10.56
C HIS D 90 -32.75 -24.02 -10.72
N LEU D 91 -32.02 -22.98 -11.10
CA LEU D 91 -30.57 -23.06 -11.16
C LEU D 91 -29.94 -21.93 -10.38
N THR D 92 -28.78 -22.23 -9.82
CA THR D 92 -27.91 -21.23 -9.22
C THR D 92 -26.53 -21.46 -9.80
N ALA D 93 -25.64 -20.48 -9.70
CA ALA D 93 -24.29 -20.62 -10.31
C ALA D 93 -23.22 -20.01 -9.45
N PHE D 94 -22.15 -20.76 -9.25
CA PHE D 94 -21.07 -20.33 -8.43
C PHE D 94 -20.02 -19.64 -9.32
N VAL D 95 -19.70 -18.39 -9.00
CA VAL D 95 -18.70 -17.61 -9.73
C VAL D 95 -17.36 -17.76 -9.04
N GLU D 96 -16.34 -18.11 -9.82
CA GLU D 96 -15.01 -18.29 -9.27
C GLU D 96 -13.96 -18.00 -10.32
N GLY D 97 -12.75 -17.72 -9.86
CA GLY D 97 -11.69 -17.38 -10.78
C GLY D 97 -11.22 -18.64 -11.44
N ARG D 98 -10.48 -18.47 -12.51
CA ARG D 98 -9.79 -19.58 -13.14
C ARG D 98 -8.49 -19.80 -12.43
N SER D 99 -8.13 -21.06 -12.20
CA SER D 99 -6.89 -21.36 -11.50
C SER D 99 -5.69 -20.65 -12.05
N SER D 100 -5.60 -20.52 -13.38
CA SER D 100 -4.45 -19.85 -14.02
C SER D 100 -4.32 -18.41 -13.59
N VAL D 101 -5.44 -17.79 -13.32
CA VAL D 101 -5.46 -16.37 -12.96
C VAL D 101 -5.12 -16.17 -11.49
N GLY D 102 -5.73 -16.97 -10.62
CA GLY D 102 -5.46 -16.93 -9.20
C GLY D 102 -4.01 -17.25 -8.88
N ARG D 103 -3.40 -18.12 -9.68
CA ARG D 103 -1.99 -18.48 -9.44
C ARG D 103 -1.03 -17.34 -9.70
N LEU D 104 -1.48 -16.32 -10.41
CA LEU D 104 -0.66 -15.08 -10.59
C LEU D 104 -1.06 -14.01 -9.60
N GLY D 105 -1.74 -14.37 -8.52
CA GLY D 105 -2.06 -13.43 -7.45
C GLY D 105 -3.23 -12.50 -7.77
N LEU D 106 -3.98 -12.79 -8.82
CA LEU D 106 -5.14 -12.00 -9.07
C LEU D 106 -6.32 -12.75 -8.50
N PHE D 107 -6.85 -12.24 -7.38
CA PHE D 107 -7.97 -12.87 -6.75
C PHE D 107 -9.31 -12.31 -7.20
N ILE D 108 -10.19 -13.23 -7.59
CA ILE D 108 -11.58 -12.92 -7.86
C ILE D 108 -12.35 -13.08 -6.57
N GLN D 109 -12.46 -12.02 -5.79
CA GLN D 109 -12.97 -12.12 -4.40
C GLN D 109 -14.44 -12.32 -4.29
N ASN D 110 -15.12 -12.04 -5.38
CA ASN D 110 -16.59 -12.05 -5.39
C ASN D 110 -17.17 -13.46 -5.40
N ALA D 111 -16.31 -14.48 -5.18
CA ALA D 111 -16.68 -15.86 -5.39
C ALA D 111 -17.91 -16.23 -4.58
N GLY D 112 -18.98 -16.61 -5.26
CA GLY D 112 -20.21 -16.94 -4.60
C GLY D 112 -21.30 -17.40 -5.56
N TRP D 113 -22.44 -17.71 -4.97
CA TRP D 113 -23.59 -18.28 -5.70
C TRP D 113 -24.56 -17.18 -6.20
N VAL D 114 -24.82 -17.19 -7.49
CA VAL D 114 -25.76 -16.29 -8.10
C VAL D 114 -27.21 -16.73 -7.79
N ASP D 115 -28.06 -15.77 -7.38
CA ASP D 115 -29.44 -16.06 -7.04
C ASP D 115 -30.18 -16.63 -8.24
N PRO D 116 -31.01 -17.67 -8.03
CA PRO D 116 -31.91 -18.10 -9.09
C PRO D 116 -32.73 -16.94 -9.60
N GLY D 117 -32.91 -16.88 -10.92
CA GLY D 117 -33.68 -15.82 -11.52
C GLY D 117 -32.86 -14.62 -11.87
N PHE D 118 -31.57 -14.63 -11.52
CA PHE D 118 -30.74 -13.46 -11.78
C PHE D 118 -30.58 -13.21 -13.28
N ASN D 119 -30.57 -11.95 -13.66
CA ASN D 119 -30.43 -11.55 -15.03
C ASN D 119 -29.55 -10.31 -15.10
N GLY D 120 -28.37 -10.47 -15.69
CA GLY D 120 -27.44 -9.37 -15.84
C GLY D 120 -26.04 -9.83 -16.17
N GLN D 121 -25.14 -8.86 -16.33
CA GLN D 121 -23.72 -9.13 -16.36
C GLN D 121 -23.28 -9.38 -14.95
N ILE D 122 -22.10 -10.01 -14.80
CA ILE D 122 -21.59 -10.34 -13.49
C ILE D 122 -20.52 -9.31 -13.16
N THR D 123 -20.70 -8.65 -12.03
CA THR D 123 -19.70 -7.71 -11.49
C THR D 123 -18.62 -8.46 -10.71
N LEU D 124 -17.36 -8.18 -11.03
CA LEU D 124 -16.23 -8.92 -10.44
C LEU D 124 -15.46 -8.05 -9.50
N GLU D 125 -15.01 -8.64 -8.41
CA GLU D 125 -14.20 -7.95 -7.43
C GLU D 125 -12.73 -8.42 -7.62
N LEU D 126 -11.90 -7.58 -8.23
CA LEU D 126 -10.50 -7.94 -8.52
C LEU D 126 -9.56 -7.40 -7.50
N PHE D 127 -8.68 -8.26 -7.00
CA PHE D 127 -7.67 -7.83 -6.06
C PHE D 127 -6.33 -8.34 -6.49
N ASN D 128 -5.38 -7.41 -6.67
CA ASN D 128 -4.00 -7.78 -7.00
C ASN D 128 -3.25 -7.95 -5.71
N ALA D 129 -3.00 -9.20 -5.36
CA ALA D 129 -2.31 -9.50 -4.11
C ALA D 129 -0.81 -9.54 -4.23
N ASN D 130 -0.26 -9.22 -5.38
CA ASN D 130 1.22 -9.21 -5.54
C ASN D 130 1.82 -7.87 -5.15
N ARG D 131 3.15 -7.81 -5.12
CA ARG D 131 3.86 -6.54 -5.03
C ARG D 131 4.15 -5.89 -6.38
N LEU D 132 3.80 -6.54 -7.48
CA LEU D 132 3.95 -5.96 -8.80
C LEU D 132 2.60 -5.67 -9.41
N PRO D 133 2.56 -4.71 -10.32
CA PRO D 133 1.34 -4.49 -11.06
C PRO D 133 1.05 -5.67 -11.98
N ILE D 134 -0.23 -5.88 -12.26
CA ILE D 134 -0.67 -6.87 -13.24
C ILE D 134 -1.30 -6.16 -14.44
N GLU D 135 -0.93 -6.59 -15.64
CA GLU D 135 -1.61 -6.20 -16.87
C GLU D 135 -2.74 -7.19 -17.21
N LEU D 136 -4.00 -6.76 -17.06
CA LEU D 136 -5.13 -7.61 -17.37
C LEU D 136 -5.53 -7.36 -18.80
N PRO D 137 -5.56 -8.42 -19.61
CA PRO D 137 -6.03 -8.22 -20.98
C PRO D 137 -7.55 -8.34 -21.11
N ILE D 138 -8.14 -7.34 -21.75
CA ILE D 138 -9.57 -7.26 -21.95
C ILE D 138 -10.00 -8.40 -22.86
N GLY D 139 -11.13 -9.02 -22.57
CA GLY D 139 -11.69 -10.09 -23.40
C GLY D 139 -11.14 -11.48 -23.16
N ARG D 140 -10.18 -11.60 -22.24
CA ARG D 140 -9.63 -12.88 -21.90
C ARG D 140 -10.52 -13.55 -20.88
N ARG D 141 -10.48 -14.87 -20.85
CA ARG D 141 -11.23 -15.63 -19.87
C ARG D 141 -10.62 -15.47 -18.50
N ILE D 142 -11.42 -14.94 -17.59
CA ILE D 142 -10.99 -14.48 -16.28
C ILE D 142 -11.63 -15.26 -15.11
N CYS D 143 -12.83 -15.81 -15.31
CA CYS D 143 -13.55 -16.51 -14.27
C CYS D 143 -14.45 -17.57 -14.91
N GLN D 144 -15.21 -18.28 -14.09
CA GLN D 144 -16.11 -19.28 -14.61
C GLN D 144 -17.31 -19.45 -13.72
N LEU D 145 -18.38 -20.02 -14.27
CA LEU D 145 -19.57 -20.36 -13.55
C LEU D 145 -19.74 -21.86 -13.42
N VAL D 146 -20.09 -22.31 -12.24
CA VAL D 146 -20.38 -23.71 -11.99
C VAL D 146 -21.87 -23.78 -11.60
N PHE D 147 -22.65 -24.51 -12.38
CA PHE D 147 -24.09 -24.52 -12.19
C PHE D 147 -24.55 -25.66 -11.32
N ALA D 148 -25.52 -25.35 -10.45
CA ALA D 148 -26.15 -26.34 -9.57
C ALA D 148 -27.66 -26.22 -9.56
N GLU D 149 -28.34 -27.37 -9.42
CA GLU D 149 -29.79 -27.40 -9.41
C GLU D 149 -30.33 -27.01 -8.04
N VAL D 150 -31.47 -26.33 -8.05
CA VAL D 150 -32.11 -25.88 -6.81
C VAL D 150 -33.37 -26.69 -6.55
N THR D 151 -33.53 -27.21 -5.33
CA THR D 151 -34.74 -27.97 -4.99
C THR D 151 -35.79 -27.08 -4.34
N GLY D 152 -37.05 -27.26 -4.76
CA GLY D 152 -38.18 -26.63 -4.11
C GLY D 152 -38.71 -25.46 -4.86
N GLU D 153 -39.79 -24.90 -4.33
CA GLU D 153 -40.39 -23.71 -4.88
C GLU D 153 -39.44 -22.55 -4.66
N VAL D 154 -39.27 -21.70 -5.65
CA VAL D 154 -38.30 -20.61 -5.59
C VAL D 154 -38.96 -19.28 -5.80
N ALA D 155 -38.71 -18.35 -4.87
CA ALA D 155 -39.05 -16.96 -5.10
C ALA D 155 -37.83 -16.35 -5.79
N PRO D 156 -37.95 -16.05 -7.10
CA PRO D 156 -36.78 -15.55 -7.81
C PRO D 156 -36.21 -14.18 -7.39
N TYR D 157 -34.95 -13.92 -7.81
CA TYR D 157 -34.22 -12.70 -7.46
C TYR D 157 -34.93 -11.42 -7.88
N GLN D 158 -35.18 -10.55 -6.92
CA GLN D 158 -35.87 -9.26 -7.15
C GLN D 158 -35.07 -8.15 -6.51
N GLY D 159 -33.77 -8.35 -6.38
CA GLY D 159 -32.93 -7.43 -5.58
C GLY D 159 -32.35 -6.24 -6.32
N LYS D 160 -31.33 -5.66 -5.73
CA LYS D 160 -30.78 -4.40 -6.19
C LYS D 160 -30.23 -4.50 -7.59
N TYR D 161 -29.67 -5.65 -7.95
CA TYR D 161 -28.79 -5.74 -9.13
C TYR D 161 -29.39 -6.41 -10.37
N LEU D 162 -30.71 -6.54 -10.39
CA LEU D 162 -31.40 -7.04 -11.56
C LEU D 162 -31.10 -6.13 -12.79
N PHE D 163 -30.75 -6.78 -13.91
CA PHE D 163 -30.46 -6.12 -15.19
C PHE D 163 -29.17 -5.28 -15.17
N GLN D 164 -28.28 -5.55 -14.23
CA GLN D 164 -27.06 -4.75 -14.15
C GLN D 164 -26.18 -4.90 -15.41
N LYS D 165 -25.60 -3.78 -15.83
CA LYS D 165 -24.71 -3.65 -16.97
C LYS D 165 -23.50 -2.87 -16.50
N GLY D 166 -22.30 -3.31 -16.89
CA GLY D 166 -21.06 -2.72 -16.44
C GLY D 166 -20.73 -3.14 -15.02
N ALA D 167 -19.48 -2.94 -14.66
CA ALA D 167 -19.09 -2.95 -13.28
C ALA D 167 -20.06 -2.05 -12.54
N THR D 168 -20.77 -2.63 -11.56
CA THR D 168 -21.89 -1.95 -10.90
C THR D 168 -21.54 -1.75 -9.43
N MET D 169 -21.47 -0.50 -9.03
CA MET D 169 -21.11 -0.11 -7.69
C MET D 169 -22.09 -0.70 -6.67
N SER D 170 -21.61 -0.98 -5.46
CA SER D 170 -22.51 -1.41 -4.37
C SER D 170 -23.66 -0.43 -4.11
N GLU D 171 -24.84 -0.99 -3.89
CA GLU D 171 -25.98 -0.24 -3.41
C GLU D 171 -26.43 -0.74 -2.03
N ILE D 172 -25.46 -1.13 -1.22
CA ILE D 172 -25.72 -1.63 0.16
C ILE D 172 -26.61 -0.70 1.00
N TYR D 173 -26.43 0.60 0.82
CA TYR D 173 -27.19 1.62 1.55
C TYR D 173 -28.67 1.54 1.27
N LYS D 174 -29.08 0.80 0.26
CA LYS D 174 -30.51 0.57 0.02
C LYS D 174 -31.14 -0.58 0.80
N ASP D 175 -30.35 -1.34 1.55
CA ASP D 175 -30.94 -2.37 2.44
C ASP D 175 -32.14 -1.82 3.22
N ALA D 176 -33.25 -2.54 3.22
CA ALA D 176 -34.42 -2.10 4.02
C ALA D 176 -34.26 -2.42 5.51
N PHE D 177 -33.34 -3.34 5.82
CA PHE D 177 -33.15 -3.81 7.20
C PHE D 177 -31.79 -4.52 7.26
N MET E 1 -26.66 -32.35 -3.31
CA MET E 1 -25.36 -32.17 -3.96
C MET E 1 -24.27 -33.06 -3.44
N ILE E 2 -24.08 -32.82 -2.16
CA ILE E 2 -22.83 -33.05 -1.55
C ILE E 2 -22.69 -34.42 -0.93
N LEU E 3 -21.55 -35.05 -1.17
CA LEU E 3 -21.28 -36.39 -0.67
C LEU E 3 -20.93 -36.32 0.81
N SER E 4 -21.53 -37.20 1.60
CA SER E 4 -21.09 -37.36 2.98
C SER E 4 -19.69 -37.95 3.02
N GLY E 5 -19.02 -37.73 4.13
CA GLY E 5 -17.71 -38.34 4.35
C GLY E 5 -17.73 -39.84 4.18
N LYS E 6 -18.74 -40.48 4.72
CA LYS E 6 -18.87 -41.92 4.58
C LYS E 6 -18.96 -42.34 3.11
N THR E 7 -19.74 -41.60 2.32
CA THR E 7 -19.86 -41.88 0.91
C THR E 7 -18.53 -41.71 0.23
N ILE E 8 -17.81 -40.66 0.57
CA ILE E 8 -16.47 -40.50 0.04
C ILE E 8 -15.62 -41.74 0.35
N SER E 9 -15.66 -42.23 1.58
CA SER E 9 -14.89 -43.43 1.97
C SER E 9 -15.21 -44.62 1.10
N GLU E 10 -16.50 -44.84 0.89
CA GLU E 10 -16.97 -45.96 0.07
C GLU E 10 -16.38 -45.85 -1.32
N LYS E 11 -16.48 -44.66 -1.92
CA LYS E 11 -16.03 -44.47 -3.28
C LYS E 11 -14.54 -44.63 -3.44
N LEU E 12 -13.80 -44.24 -2.40
CA LEU E 12 -12.36 -44.48 -2.35
C LEU E 12 -12.08 -45.97 -2.33
N THR E 13 -12.77 -46.69 -1.44
CA THR E 13 -12.51 -48.13 -1.28
C THR E 13 -12.88 -48.87 -2.59
N GLU E 14 -13.91 -48.43 -3.29
CA GLU E 14 -14.28 -49.03 -4.56
C GLU E 14 -13.52 -48.42 -5.75
N LYS E 15 -12.57 -47.53 -5.48
CA LYS E 15 -11.72 -46.92 -6.51
C LYS E 15 -12.48 -46.14 -7.57
N GLU E 16 -13.67 -45.69 -7.21
CA GLU E 16 -14.41 -44.74 -8.05
C GLU E 16 -13.68 -43.38 -8.04
N LEU E 17 -12.97 -43.13 -6.96
CA LEU E 17 -12.28 -41.88 -6.71
C LEU E 17 -10.93 -42.27 -6.09
N GLU E 18 -9.88 -41.52 -6.41
CA GLU E 18 -8.58 -41.74 -5.78
C GLU E 18 -8.07 -40.48 -5.11
N ILE E 19 -7.61 -40.64 -3.87
CA ILE E 19 -6.94 -39.58 -3.13
C ILE E 19 -5.85 -40.32 -2.36
N THR E 20 -4.60 -40.03 -2.69
CA THR E 20 -3.48 -40.79 -2.12
C THR E 20 -2.28 -39.85 -1.96
N PRO E 21 -1.51 -40.01 -0.87
CA PRO E 21 -1.72 -40.90 0.28
C PRO E 21 -2.72 -40.26 1.22
N LEU E 22 -3.40 -41.10 2.02
CA LEU E 22 -4.53 -40.64 2.83
C LEU E 22 -4.66 -41.40 4.12
N THR E 23 -4.93 -40.68 5.21
CA THR E 23 -5.26 -41.27 6.48
C THR E 23 -6.76 -41.22 6.68
N GLU E 24 -7.30 -42.24 7.35
CA GLU E 24 -8.72 -42.35 7.65
C GLU E 24 -9.33 -41.12 8.31
N GLU E 25 -8.54 -40.50 9.17
CA GLU E 25 -9.04 -39.44 10.01
C GLU E 25 -9.07 -38.11 9.27
N GLN E 26 -8.51 -38.07 8.06
CA GLN E 26 -8.72 -36.94 7.16
C GLN E 26 -10.16 -36.83 6.63
N ILE E 27 -10.92 -37.93 6.73
CA ILE E 27 -12.32 -37.96 6.33
C ILE E 27 -13.18 -37.23 7.37
N GLN E 28 -14.03 -36.31 6.90
CA GLN E 28 -14.81 -35.43 7.78
C GLN E 28 -16.29 -35.63 7.52
N PRO E 29 -17.17 -34.95 8.30
CA PRO E 29 -18.57 -35.14 8.06
C PRO E 29 -19.05 -35.04 6.59
N ALA E 30 -18.60 -34.04 5.85
CA ALA E 30 -18.95 -33.92 4.43
C ALA E 30 -17.82 -33.28 3.65
N SER E 31 -16.60 -33.71 3.95
CA SER E 31 -15.42 -33.22 3.26
C SER E 31 -14.26 -34.15 3.57
N VAL E 32 -13.13 -33.93 2.92
CA VAL E 32 -11.90 -34.60 3.28
C VAL E 32 -10.73 -33.62 3.31
N ASP E 33 -10.05 -33.59 4.46
CA ASP E 33 -8.91 -32.69 4.67
C ASP E 33 -7.71 -33.13 3.85
N LEU E 34 -7.03 -32.14 3.26
CA LEU E 34 -5.76 -32.39 2.59
C LEU E 34 -4.63 -31.65 3.30
N ARG E 35 -3.40 -32.11 3.05
CA ARG E 35 -2.22 -31.65 3.77
C ARG E 35 -1.26 -30.86 2.92
N LEU E 36 -0.53 -29.98 3.58
CA LEU E 36 0.43 -29.10 2.94
C LEU E 36 1.70 -29.87 2.59
N GLY E 37 2.10 -29.81 1.32
CA GLY E 37 3.32 -30.46 0.85
C GLY E 37 4.55 -29.61 1.07
N PRO E 38 5.71 -30.15 0.71
CA PRO E 38 6.99 -29.47 0.95
C PRO E 38 7.45 -28.54 -0.17
N HIS E 39 6.64 -28.40 -1.21
CA HIS E 39 7.07 -27.74 -2.42
C HIS E 39 6.36 -26.40 -2.64
N PHE E 40 7.11 -25.39 -3.06
CA PHE E 40 6.64 -24.03 -3.07
C PHE E 40 7.15 -23.26 -4.28
N VAL E 41 6.37 -22.26 -4.69
CA VAL E 41 6.73 -21.39 -5.82
C VAL E 41 6.39 -19.97 -5.45
N THR E 42 7.27 -19.02 -5.73
CA THR E 42 6.92 -17.58 -5.66
C THR E 42 7.31 -16.86 -6.89
N ILE E 43 6.58 -15.79 -7.21
CA ILE E 43 6.95 -14.95 -8.33
C ILE E 43 8.26 -14.27 -8.03
N ASP E 44 9.17 -14.28 -9.00
CA ASP E 44 10.47 -13.66 -8.79
C ASP E 44 10.36 -12.14 -8.97
N ASP E 45 9.98 -11.52 -7.86
CA ASP E 45 9.99 -10.07 -7.66
C ASP E 45 11.27 -9.31 -7.91
N SER E 46 12.41 -9.99 -7.91
CA SER E 46 13.67 -9.34 -8.21
C SER E 46 13.87 -9.26 -9.72
N LYS E 47 13.19 -10.09 -10.49
CA LYS E 47 13.42 -10.15 -11.93
C LYS E 47 12.30 -9.63 -12.80
N GLU E 48 11.09 -9.64 -12.25
CA GLU E 48 9.94 -9.20 -12.98
C GLU E 48 9.50 -7.88 -12.41
N ALA E 49 9.21 -6.92 -13.30
CA ALA E 49 8.68 -5.61 -12.91
C ALA E 49 7.16 -5.55 -13.04
N VAL E 50 6.61 -6.44 -13.89
CA VAL E 50 5.19 -6.48 -14.14
C VAL E 50 4.78 -7.90 -14.42
N ILE E 51 3.60 -8.28 -13.95
CA ILE E 51 3.08 -9.61 -14.17
C ILE E 51 2.26 -9.60 -15.45
N SER E 52 2.45 -10.62 -16.29
CA SER E 52 1.88 -10.68 -17.63
C SER E 52 1.09 -11.97 -17.82
N PHE E 53 0.06 -11.91 -18.65
CA PHE E 53 -0.73 -13.07 -19.00
C PHE E 53 -0.28 -13.63 -20.34
N GLU E 54 0.71 -13.00 -20.96
CA GLU E 54 1.04 -13.25 -22.36
C GLU E 54 2.36 -13.95 -22.57
N ARG E 55 3.14 -14.12 -21.50
CA ARG E 55 4.42 -14.83 -21.55
C ARG E 55 4.68 -15.45 -20.19
N PRO E 56 5.60 -16.42 -20.12
CA PRO E 56 6.00 -16.93 -18.81
C PRO E 56 6.68 -15.88 -17.93
N ILE E 57 6.47 -16.05 -16.64
CA ILE E 57 6.93 -15.14 -15.59
C ILE E 57 7.99 -15.90 -14.83
N ARG E 58 9.09 -15.25 -14.49
CA ARG E 58 10.14 -15.91 -13.72
C ARG E 58 9.64 -16.18 -12.33
N TYR E 59 10.09 -17.27 -11.77
CA TYR E 59 9.68 -17.65 -10.47
C TYR E 59 10.78 -18.44 -9.79
N ARG E 60 10.71 -18.49 -8.47
CA ARG E 60 11.58 -19.34 -7.72
C ARG E 60 10.75 -20.50 -7.22
N GLU E 61 11.30 -21.70 -7.30
CA GLU E 61 10.64 -22.87 -6.76
C GLU E 61 11.60 -23.64 -5.88
N TRP E 62 11.08 -24.26 -4.82
CA TRP E 62 11.92 -25.07 -3.97
C TRP E 62 11.13 -26.08 -3.18
N THR E 63 11.84 -27.12 -2.79
CA THR E 63 11.33 -28.15 -1.87
C THR E 63 12.08 -27.95 -0.57
N THR E 64 11.37 -27.81 0.53
CA THR E 64 12.02 -27.67 1.82
C THR E 64 12.14 -29.02 2.51
N SER E 65 13.25 -29.17 3.25
CA SER E 65 13.45 -30.31 4.12
C SER E 65 13.11 -29.92 5.54
N ASP E 66 12.79 -28.65 5.79
CA ASP E 66 12.46 -28.26 7.15
C ASP E 66 11.05 -28.68 7.48
N GLU E 67 10.76 -28.66 8.76
CA GLU E 67 9.42 -28.94 9.28
C GLU E 67 8.44 -27.81 8.99
N THR E 68 8.93 -26.57 8.88
CA THR E 68 8.07 -25.42 8.61
C THR E 68 8.66 -24.52 7.55
N ILE E 69 7.78 -23.68 7.04
CA ILE E 69 8.11 -22.62 6.13
C ILE E 69 7.51 -21.33 6.71
N VAL E 70 8.20 -20.21 6.47
CA VAL E 70 7.74 -18.89 6.87
C VAL E 70 7.16 -18.14 5.68
N LEU E 71 5.93 -17.67 5.84
CA LEU E 71 5.29 -16.82 4.86
C LEU E 71 5.26 -15.41 5.46
N PRO E 72 6.02 -14.47 4.86
CA PRO E 72 6.05 -13.13 5.43
C PRO E 72 4.77 -12.36 5.24
N PRO E 73 4.63 -11.25 5.96
CA PRO E 73 3.35 -10.51 5.97
C PRO E 73 2.98 -10.07 4.57
N HIS E 74 1.69 -10.08 4.25
CA HIS E 74 1.20 -9.58 2.96
C HIS E 74 1.93 -10.16 1.76
N THR E 75 2.23 -11.45 1.87
CA THR E 75 2.94 -12.14 0.83
C THR E 75 2.04 -13.25 0.31
N PHE E 76 2.18 -13.50 -0.99
CA PHE E 76 1.43 -14.50 -1.69
C PHE E 76 2.39 -15.62 -2.08
N LEU E 77 1.95 -16.86 -1.93
CA LEU E 77 2.80 -17.99 -2.18
C LEU E 77 2.01 -19.14 -2.77
N LEU E 78 2.61 -19.83 -3.73
CA LEU E 78 2.01 -21.04 -4.25
C LEU E 78 2.55 -22.27 -3.52
N ALA E 79 1.64 -23.16 -3.19
CA ALA E 79 1.96 -24.40 -2.50
C ALA E 79 1.22 -25.54 -3.16
N THR E 80 1.33 -26.73 -2.59
CA THR E 80 0.68 -27.89 -3.11
C THR E 80 0.20 -28.80 -1.99
N THR E 81 -0.76 -29.65 -2.33
CA THR E 81 -1.19 -30.70 -1.42
C THR E 81 -0.23 -31.87 -1.54
N MET E 82 -0.10 -32.63 -0.46
CA MET E 82 0.63 -33.90 -0.49
C MET E 82 -0.15 -34.90 -1.33
N GLU E 83 -1.47 -34.78 -1.29
CA GLU E 83 -2.33 -35.73 -1.92
C GLU E 83 -2.42 -35.53 -3.43
N THR E 84 -2.41 -36.63 -4.15
CA THR E 84 -2.77 -36.63 -5.56
C THR E 84 -4.21 -37.07 -5.60
N VAL E 85 -4.98 -36.40 -6.44
CA VAL E 85 -6.41 -36.62 -6.52
C VAL E 85 -6.74 -37.04 -7.94
N LYS E 86 -7.56 -38.08 -8.08
CA LYS E 86 -8.10 -38.42 -9.39
C LYS E 86 -9.63 -38.51 -9.35
N LEU E 87 -10.27 -37.63 -10.10
CA LEU E 87 -11.72 -37.58 -10.14
C LEU E 87 -12.24 -38.29 -11.37
N PRO E 88 -13.29 -39.11 -11.20
CA PRO E 88 -13.98 -39.64 -12.36
C PRO E 88 -14.83 -38.53 -13.03
N ASN E 89 -15.47 -38.87 -14.14
CA ASN E 89 -16.19 -37.89 -14.94
C ASN E 89 -17.43 -37.37 -14.29
N HIS E 90 -17.96 -38.05 -13.28
CA HIS E 90 -19.24 -37.68 -12.69
C HIS E 90 -19.14 -37.05 -11.29
N LEU E 91 -17.95 -36.69 -10.88
CA LEU E 91 -17.72 -35.96 -9.63
C LEU E 91 -16.91 -34.69 -9.86
N THR E 92 -17.19 -33.68 -9.02
CA THR E 92 -16.42 -32.45 -8.96
C THR E 92 -16.18 -32.21 -7.49
N ALA E 93 -15.19 -31.38 -7.17
CA ALA E 93 -14.83 -31.13 -5.76
C ALA E 93 -14.45 -29.72 -5.51
N PHE E 94 -14.97 -29.17 -4.42
CA PHE E 94 -14.72 -27.79 -4.08
C PHE E 94 -13.58 -27.76 -3.10
N VAL E 95 -12.52 -27.03 -3.46
CA VAL E 95 -11.37 -26.83 -2.56
C VAL E 95 -11.60 -25.59 -1.71
N GLU E 96 -11.37 -25.71 -0.41
CA GLU E 96 -11.45 -24.57 0.49
C GLU E 96 -10.53 -24.77 1.68
N GLY E 97 -10.25 -23.67 2.36
CA GLY E 97 -9.40 -23.73 3.52
C GLY E 97 -10.17 -24.34 4.66
N ARG E 98 -9.43 -24.72 5.71
CA ARG E 98 -10.02 -25.10 6.97
C ARG E 98 -10.23 -23.85 7.80
N SER E 99 -11.38 -23.74 8.46
CA SER E 99 -11.69 -22.55 9.27
C SER E 99 -10.57 -22.17 10.26
N SER E 100 -9.91 -23.17 10.87
CA SER E 100 -8.82 -22.90 11.84
C SER E 100 -7.65 -22.15 11.20
N VAL E 101 -7.44 -22.38 9.92
CA VAL E 101 -6.36 -21.76 9.20
C VAL E 101 -6.70 -20.34 8.78
N GLY E 102 -7.89 -20.17 8.20
CA GLY E 102 -8.35 -18.85 7.79
C GLY E 102 -8.45 -17.87 8.95
N ARG E 103 -8.77 -18.41 10.12
CA ARG E 103 -8.88 -17.56 11.30
C ARG E 103 -7.54 -16.96 11.78
N LEU E 104 -6.42 -17.53 11.33
CA LEU E 104 -5.10 -16.96 11.61
C LEU E 104 -4.61 -16.07 10.48
N GLY E 105 -5.53 -15.62 9.60
CA GLY E 105 -5.15 -14.71 8.52
C GLY E 105 -4.43 -15.37 7.35
N LEU E 106 -4.44 -16.69 7.29
CA LEU E 106 -3.88 -17.35 6.15
C LEU E 106 -5.02 -17.70 5.23
N PHE E 107 -5.11 -17.00 4.11
CA PHE E 107 -6.18 -17.25 3.16
C PHE E 107 -5.82 -18.21 2.07
N ILE E 108 -6.65 -19.23 1.89
CA ILE E 108 -6.56 -20.14 0.75
C ILE E 108 -7.40 -19.53 -0.36
N GLN E 109 -6.78 -18.72 -1.19
CA GLN E 109 -7.51 -17.94 -2.21
C GLN E 109 -8.01 -18.73 -3.41
N ASN E 110 -7.47 -19.93 -3.58
CA ASN E 110 -7.76 -20.74 -4.77
C ASN E 110 -9.13 -21.43 -4.71
N ALA E 111 -9.96 -21.05 -3.74
CA ALA E 111 -11.18 -21.79 -3.47
C ALA E 111 -12.04 -21.91 -4.71
N GLY E 112 -12.31 -23.14 -5.13
CA GLY E 112 -13.12 -23.39 -6.31
C GLY E 112 -13.35 -24.86 -6.63
N TRP E 113 -14.06 -25.10 -7.72
CA TRP E 113 -14.49 -26.45 -8.12
C TRP E 113 -13.50 -27.11 -9.08
N VAL E 114 -13.03 -28.28 -8.70
CA VAL E 114 -12.13 -29.09 -9.55
C VAL E 114 -12.92 -29.73 -10.71
N ASP E 115 -12.39 -29.60 -11.93
CA ASP E 115 -13.03 -30.17 -13.12
C ASP E 115 -13.15 -31.69 -13.01
N PRO E 116 -14.32 -32.26 -13.39
CA PRO E 116 -14.43 -33.70 -13.50
C PRO E 116 -13.35 -34.25 -14.39
N GLY E 117 -12.78 -35.37 -13.99
CA GLY E 117 -11.71 -35.99 -14.74
C GLY E 117 -10.33 -35.44 -14.38
N PHE E 118 -10.25 -34.45 -13.47
CA PHE E 118 -8.95 -33.92 -13.08
C PHE E 118 -8.12 -35.01 -12.42
N ASN E 119 -6.83 -34.98 -12.72
CA ASN E 119 -5.89 -35.89 -12.12
C ASN E 119 -4.60 -35.12 -11.78
N GLY E 120 -4.32 -34.98 -10.50
CA GLY E 120 -3.10 -34.34 -10.07
C GLY E 120 -3.13 -33.93 -8.61
N GLN E 121 -2.03 -33.35 -8.15
CA GLN E 121 -2.02 -32.70 -6.87
C GLN E 121 -2.75 -31.38 -7.04
N ILE E 122 -3.14 -30.77 -5.92
CA ILE E 122 -3.86 -29.51 -5.94
C ILE E 122 -2.92 -28.40 -5.58
N THR E 123 -2.81 -27.42 -6.48
CA THR E 123 -1.99 -26.24 -6.25
C THR E 123 -2.81 -25.23 -5.42
N LEU E 124 -2.21 -24.73 -4.34
CA LEU E 124 -2.86 -23.82 -3.43
C LEU E 124 -2.29 -22.42 -3.53
N GLU E 125 -3.16 -21.42 -3.41
CA GLU E 125 -2.80 -20.02 -3.44
C GLU E 125 -2.87 -19.47 -2.02
N LEU E 126 -1.71 -19.29 -1.40
CA LEU E 126 -1.64 -18.86 0.00
C LEU E 126 -1.36 -17.39 0.10
N PHE E 127 -2.11 -16.70 0.94
CA PHE E 127 -1.88 -15.29 1.18
C PHE E 127 -1.89 -15.01 2.67
N ASN E 128 -0.79 -14.41 3.17
CA ASN E 128 -0.69 -14.04 4.56
C ASN E 128 -1.19 -12.63 4.70
N ALA E 129 -2.38 -12.49 5.27
CA ALA E 129 -3.00 -11.20 5.37
C ALA E 129 -2.67 -10.48 6.66
N ASN E 130 -1.80 -11.05 7.48
CA ASN E 130 -1.41 -10.39 8.75
C ASN E 130 -0.24 -9.45 8.53
N ARG E 131 0.09 -8.68 9.56
CA ARG E 131 1.33 -7.90 9.56
C ARG E 131 2.52 -8.67 10.17
N LEU E 132 2.27 -9.91 10.61
CA LEU E 132 3.34 -10.77 11.10
C LEU E 132 3.56 -11.93 10.16
N PRO E 133 4.79 -12.44 10.13
CA PRO E 133 4.99 -13.69 9.43
C PRO E 133 4.22 -14.87 10.05
N ILE E 134 3.86 -15.84 9.22
CA ILE E 134 3.27 -17.09 9.66
C ILE E 134 4.23 -18.22 9.42
N GLU E 135 4.34 -19.08 10.41
CA GLU E 135 5.05 -20.32 10.27
C GLU E 135 4.05 -21.47 9.88
N LEU E 136 4.14 -21.94 8.65
CA LEU E 136 3.31 -23.06 8.18
C LEU E 136 4.01 -24.38 8.37
N PRO E 137 3.38 -25.33 9.06
CA PRO E 137 4.04 -26.61 9.22
C PRO E 137 3.69 -27.56 8.08
N ILE E 138 4.72 -28.13 7.50
CA ILE E 138 4.59 -29.05 6.40
C ILE E 138 3.86 -30.30 6.88
N GLY E 139 2.99 -30.84 6.04
CA GLY E 139 2.27 -32.06 6.38
C GLY E 139 1.03 -31.90 7.25
N ARG E 140 0.73 -30.68 7.68
CA ARG E 140 -0.45 -30.41 8.47
C ARG E 140 -1.64 -30.23 7.53
N ARG E 141 -2.82 -30.50 8.05
CA ARG E 141 -4.05 -30.33 7.27
C ARG E 141 -4.34 -28.83 7.10
N ILE E 142 -4.40 -28.41 5.83
CA ILE E 142 -4.41 -27.01 5.44
C ILE E 142 -5.71 -26.60 4.69
N CYS E 143 -6.37 -27.57 4.03
CA CYS E 143 -7.56 -27.31 3.26
C CYS E 143 -8.42 -28.57 3.22
N GLN E 144 -9.52 -28.53 2.48
CA GLN E 144 -10.38 -29.69 2.37
C GLN E 144 -11.13 -29.68 1.04
N LEU E 145 -11.59 -30.87 0.62
CA LEU E 145 -12.43 -31.02 -0.57
C LEU E 145 -13.83 -31.40 -0.22
N VAL E 146 -14.79 -30.76 -0.88
CA VAL E 146 -16.21 -31.06 -0.69
C VAL E 146 -16.72 -31.58 -2.03
N PHE E 147 -17.23 -32.80 -2.03
CA PHE E 147 -17.55 -33.46 -3.29
C PHE E 147 -19.00 -33.30 -3.66
N ALA E 148 -19.24 -33.13 -4.95
CA ALA E 148 -20.58 -33.05 -5.47
C ALA E 148 -20.69 -33.91 -6.73
N GLU E 149 -21.87 -34.48 -6.94
CA GLU E 149 -22.10 -35.22 -8.16
C GLU E 149 -22.45 -34.32 -9.36
N VAL E 150 -22.04 -34.78 -10.55
CA VAL E 150 -22.28 -34.05 -11.80
C VAL E 150 -23.35 -34.73 -12.63
N THR E 151 -24.33 -33.97 -13.07
CA THR E 151 -25.40 -34.54 -13.92
C THR E 151 -25.09 -34.28 -15.39
N GLY E 152 -25.31 -35.28 -16.22
CA GLY E 152 -25.21 -35.15 -17.66
C GLY E 152 -23.93 -35.72 -18.22
N GLU E 153 -23.84 -35.74 -19.53
CA GLU E 153 -22.67 -36.25 -20.20
C GLU E 153 -21.50 -35.29 -19.98
N VAL E 154 -20.31 -35.82 -19.75
CA VAL E 154 -19.19 -35.01 -19.40
C VAL E 154 -18.02 -35.18 -20.36
N ALA E 155 -17.51 -34.07 -20.89
CA ALA E 155 -16.21 -34.05 -21.57
C ALA E 155 -15.15 -33.76 -20.52
N PRO E 156 -14.32 -34.77 -20.18
CA PRO E 156 -13.45 -34.62 -19.01
C PRO E 156 -12.31 -33.63 -19.21
N TYR E 157 -11.70 -33.22 -18.09
CA TYR E 157 -10.66 -32.19 -18.10
C TYR E 157 -9.49 -32.59 -19.01
N GLN E 158 -9.20 -31.73 -19.98
CA GLN E 158 -8.08 -31.90 -20.89
C GLN E 158 -7.20 -30.64 -20.89
N GLY E 159 -7.15 -29.90 -19.79
CA GLY E 159 -6.53 -28.57 -19.78
C GLY E 159 -5.04 -28.56 -19.46
N LYS E 160 -4.55 -27.40 -19.10
CA LYS E 160 -3.13 -27.16 -18.87
C LYS E 160 -2.54 -27.97 -17.73
N TYR E 161 -3.33 -28.26 -16.69
CA TYR E 161 -2.78 -28.75 -15.43
C TYR E 161 -2.96 -30.27 -15.16
N LEU E 162 -3.29 -31.01 -16.20
CA LEU E 162 -3.41 -32.44 -16.06
C LEU E 162 -2.08 -33.04 -15.62
N PHE E 163 -2.14 -33.93 -14.64
CA PHE E 163 -0.99 -34.63 -14.04
C PHE E 163 -0.02 -33.72 -13.28
N GLN E 164 -0.49 -32.54 -12.86
CA GLN E 164 0.43 -31.61 -12.19
C GLN E 164 0.96 -32.21 -10.88
N LYS E 165 2.22 -31.90 -10.62
CA LYS E 165 2.94 -32.31 -9.42
C LYS E 165 3.67 -31.09 -8.93
N GLY E 166 3.66 -30.88 -7.62
CA GLY E 166 4.26 -29.70 -7.04
C GLY E 166 3.37 -28.48 -7.24
N ALA E 167 3.62 -27.46 -6.44
CA ALA E 167 3.13 -26.12 -6.75
C ALA E 167 3.47 -25.83 -8.20
N THR E 168 2.42 -25.59 -8.99
CA THR E 168 2.54 -25.47 -10.43
C THR E 168 2.17 -24.05 -10.87
N MET E 169 3.15 -23.37 -11.44
CA MET E 169 3.04 -22.00 -11.87
C MET E 169 1.93 -21.87 -12.91
N SER E 170 1.27 -20.72 -12.94
CA SER E 170 0.28 -20.45 -13.99
C SER E 170 0.84 -20.63 -15.39
N GLU E 171 0.03 -21.23 -16.26
CA GLU E 171 0.34 -21.33 -17.68
C GLU E 171 -0.70 -20.59 -18.50
N ILE E 172 -1.22 -19.50 -17.94
CA ILE E 172 -2.21 -18.65 -18.59
C ILE E 172 -1.83 -18.27 -20.02
N TYR E 173 -0.54 -18.02 -20.24
CA TYR E 173 0.00 -17.64 -21.55
C TYR E 173 -0.24 -18.68 -22.63
N LYS E 174 -0.65 -19.88 -22.25
CA LYS E 174 -1.02 -20.89 -23.24
C LYS E 174 -2.45 -20.82 -23.73
N ASP E 175 -3.30 -19.97 -23.14
CA ASP E 175 -4.68 -19.83 -23.64
C ASP E 175 -4.69 -19.69 -25.15
N ALA E 176 -5.51 -20.48 -25.84
CA ALA E 176 -5.63 -20.34 -27.31
C ALA E 176 -6.47 -19.13 -27.71
N PHE E 177 -7.28 -18.62 -26.78
CA PHE E 177 -8.23 -17.54 -27.04
C PHE E 177 -8.67 -16.96 -25.68
N MET F 1 -29.25 -31.29 -3.66
CA MET F 1 -29.57 -30.06 -4.41
C MET F 1 -29.40 -28.85 -3.49
N ILE F 2 -29.31 -27.62 -4.02
CA ILE F 2 -29.38 -26.43 -3.18
C ILE F 2 -30.83 -26.22 -2.78
N LEU F 3 -31.04 -25.87 -1.52
CA LEU F 3 -32.39 -25.56 -1.02
C LEU F 3 -32.87 -24.19 -1.45
N SER F 4 -34.08 -24.13 -1.97
CA SER F 4 -34.70 -22.81 -2.17
C SER F 4 -34.95 -22.11 -0.83
N GLY F 5 -35.06 -20.79 -0.87
CA GLY F 5 -35.42 -20.02 0.31
C GLY F 5 -36.70 -20.55 0.96
N LYS F 6 -37.69 -20.86 0.15
CA LYS F 6 -38.95 -21.34 0.67
C LYS F 6 -38.76 -22.65 1.43
N THR F 7 -37.94 -23.55 0.89
CA THR F 7 -37.64 -24.78 1.55
C THR F 7 -36.93 -24.50 2.88
N ILE F 8 -35.97 -23.58 2.88
CA ILE F 8 -35.33 -23.20 4.12
C ILE F 8 -36.36 -22.76 5.15
N SER F 9 -37.33 -21.93 4.75
CA SER F 9 -38.38 -21.46 5.66
C SER F 9 -39.17 -22.58 6.28
N GLU F 10 -39.57 -23.54 5.44
CA GLU F 10 -40.31 -24.69 5.90
C GLU F 10 -39.51 -25.43 6.97
N LYS F 11 -38.25 -25.70 6.68
CA LYS F 11 -37.42 -26.49 7.57
C LYS F 11 -37.20 -25.80 8.90
N LEU F 12 -37.09 -24.48 8.86
CA LEU F 12 -37.02 -23.67 10.08
C LEU F 12 -38.28 -23.82 10.92
N THR F 13 -39.42 -23.69 10.27
CA THR F 13 -40.68 -23.78 10.98
C THR F 13 -40.90 -25.18 11.60
N GLU F 14 -40.45 -26.22 10.91
CA GLU F 14 -40.54 -27.55 11.46
C GLU F 14 -39.37 -27.94 12.33
N LYS F 15 -38.47 -26.99 12.58
CA LYS F 15 -37.33 -27.21 13.46
C LYS F 15 -36.37 -28.29 12.99
N GLU F 16 -36.37 -28.58 11.70
CA GLU F 16 -35.35 -29.44 11.12
C GLU F 16 -34.00 -28.72 11.15
N LEU F 17 -34.06 -27.39 11.14
CA LEU F 17 -32.92 -26.52 11.05
C LEU F 17 -33.21 -25.35 11.97
N GLU F 18 -32.21 -24.84 12.66
CA GLU F 18 -32.41 -23.68 13.52
C GLU F 18 -31.44 -22.58 13.14
N ILE F 19 -31.99 -21.39 13.02
CA ILE F 19 -31.20 -20.18 12.79
C ILE F 19 -31.92 -19.11 13.59
N THR F 20 -31.24 -18.58 14.58
CA THR F 20 -31.88 -17.71 15.53
C THR F 20 -30.92 -16.70 16.12
N PRO F 21 -31.36 -15.46 16.36
CA PRO F 21 -32.64 -14.86 15.99
C PRO F 21 -32.68 -14.51 14.51
N LEU F 22 -33.88 -14.45 13.94
CA LEU F 22 -34.05 -14.32 12.52
C LEU F 22 -35.29 -13.53 12.15
N THR F 23 -35.19 -12.64 11.16
CA THR F 23 -36.37 -12.02 10.54
C THR F 23 -36.66 -12.71 9.21
N GLU F 24 -37.95 -12.81 8.87
CA GLU F 24 -38.38 -13.52 7.66
C GLU F 24 -37.77 -12.92 6.39
N GLU F 25 -37.45 -11.64 6.40
CA GLU F 25 -36.94 -10.98 5.21
C GLU F 25 -35.44 -11.27 4.96
N GLN F 26 -34.77 -11.88 5.94
CA GLN F 26 -33.43 -12.40 5.71
C GLN F 26 -33.42 -13.58 4.73
N ILE F 27 -34.61 -14.19 4.50
CA ILE F 27 -34.76 -15.33 3.57
C ILE F 27 -34.73 -14.85 2.11
N GLN F 28 -33.89 -15.47 1.29
CA GLN F 28 -33.60 -15.00 -0.06
C GLN F 28 -33.94 -16.11 -1.06
N PRO F 29 -33.80 -15.85 -2.37
CA PRO F 29 -34.24 -16.85 -3.34
C PRO F 29 -33.67 -18.25 -3.10
N ALA F 30 -32.38 -18.35 -2.78
CA ALA F 30 -31.79 -19.64 -2.45
C ALA F 30 -30.67 -19.47 -1.45
N SER F 31 -30.92 -18.65 -0.45
CA SER F 31 -29.95 -18.40 0.61
C SER F 31 -30.64 -17.72 1.77
N VAL F 32 -29.92 -17.55 2.87
CA VAL F 32 -30.43 -16.72 3.96
C VAL F 32 -29.32 -15.80 4.50
N ASP F 33 -29.64 -14.50 4.53
CA ASP F 33 -28.71 -13.48 5.00
C ASP F 33 -28.50 -13.60 6.52
N LEU F 34 -27.24 -13.45 6.95
CA LEU F 34 -26.92 -13.32 8.37
C LEU F 34 -26.32 -11.93 8.66
N ARG F 35 -26.33 -11.56 9.94
CA ARG F 35 -25.96 -10.24 10.37
C ARG F 35 -24.68 -10.20 11.19
N LEU F 36 -24.02 -9.05 11.16
CA LEU F 36 -22.79 -8.82 11.89
C LEU F 36 -23.07 -8.58 13.37
N GLY F 37 -22.41 -9.34 14.24
CA GLY F 37 -22.52 -9.19 15.68
C GLY F 37 -21.56 -8.15 16.23
N PRO F 38 -21.63 -7.88 17.54
CA PRO F 38 -20.85 -6.82 18.17
C PRO F 38 -19.47 -7.28 18.68
N HIS F 39 -19.10 -8.54 18.44
CA HIS F 39 -17.91 -9.10 19.04
C HIS F 39 -16.80 -9.34 18.01
N PHE F 40 -15.55 -9.02 18.40
CA PHE F 40 -14.43 -8.98 17.50
C PHE F 40 -13.15 -9.49 18.13
N VAL F 41 -12.26 -10.00 17.29
CA VAL F 41 -10.98 -10.50 17.74
C VAL F 41 -9.93 -10.06 16.74
N THR F 42 -8.78 -9.59 17.25
CA THR F 42 -7.61 -9.33 16.43
C THR F 42 -6.36 -9.99 17.04
N ILE F 43 -5.42 -10.41 16.18
CA ILE F 43 -4.14 -10.95 16.66
C ILE F 43 -3.31 -9.87 17.37
N ALA F 49 5.40 -11.73 17.35
CA ALA F 49 6.41 -11.61 16.32
C ALA F 49 6.28 -12.65 15.19
N VAL F 50 5.63 -13.78 15.48
CA VAL F 50 5.39 -14.85 14.49
C VAL F 50 4.11 -15.53 14.82
N ILE F 51 3.37 -15.90 13.78
CA ILE F 51 2.13 -16.63 13.94
C ILE F 51 2.45 -18.12 13.79
N SER F 52 1.88 -18.92 14.68
CA SER F 52 2.22 -20.33 14.81
C SER F 52 0.96 -21.20 14.77
N PHE F 53 1.12 -22.42 14.28
CA PHE F 53 0.05 -23.41 14.23
C PHE F 53 0.19 -24.39 15.39
N GLU F 54 1.24 -24.21 16.20
CA GLU F 54 1.64 -25.22 17.17
C GLU F 54 1.41 -24.82 18.63
N ARG F 55 1.00 -23.58 18.88
CA ARG F 55 0.67 -23.10 20.21
C ARG F 55 -0.35 -21.98 20.09
N PRO F 56 -0.99 -21.60 21.21
CA PRO F 56 -1.90 -20.46 21.14
C PRO F 56 -1.19 -19.14 20.86
N ILE F 57 -1.91 -18.25 20.21
CA ILE F 57 -1.44 -16.95 19.77
C ILE F 57 -2.20 -15.93 20.61
N ARG F 58 -1.51 -14.92 21.10
CA ARG F 58 -2.14 -13.89 21.91
C ARG F 58 -3.04 -13.05 21.01
N TYR F 59 -4.15 -12.60 21.57
CA TYR F 59 -5.11 -11.83 20.81
C TYR F 59 -5.86 -10.85 21.70
N ARG F 60 -6.44 -9.82 21.08
CA ARG F 60 -7.34 -8.88 21.76
C ARG F 60 -8.76 -9.19 21.29
N GLU F 61 -9.68 -9.26 22.23
CA GLU F 61 -11.06 -9.50 21.91
C GLU F 61 -11.89 -8.43 22.58
N TRP F 62 -12.96 -8.00 21.93
CA TRP F 62 -13.84 -7.02 22.56
C TRP F 62 -15.25 -7.06 21.97
N THR F 63 -16.19 -6.60 22.79
CA THR F 63 -17.56 -6.39 22.37
C THR F 63 -17.72 -4.88 22.32
N THR F 64 -18.19 -4.36 21.19
CA THR F 64 -18.43 -2.94 21.09
C THR F 64 -19.87 -2.62 21.45
N SER F 65 -20.02 -1.43 22.04
CA SER F 65 -21.31 -0.84 22.28
C SER F 65 -21.62 0.23 21.25
N ASP F 66 -20.67 0.50 20.37
CA ASP F 66 -20.91 1.48 19.34
C ASP F 66 -21.76 0.88 18.25
N GLU F 67 -22.35 1.75 17.45
CA GLU F 67 -23.14 1.33 16.30
C GLU F 67 -22.27 0.79 15.16
N THR F 68 -21.04 1.26 15.05
CA THR F 68 -20.11 0.83 14.01
C THR F 68 -18.75 0.53 14.56
N ILE F 69 -18.00 -0.19 13.75
CA ILE F 69 -16.61 -0.49 14.01
C ILE F 69 -15.86 -0.08 12.75
N VAL F 70 -14.62 0.39 12.93
CA VAL F 70 -13.76 0.76 11.83
C VAL F 70 -12.72 -0.31 11.57
N LEU F 71 -12.66 -0.76 10.32
CA LEU F 71 -11.64 -1.72 9.88
C LEU F 71 -10.67 -0.94 8.98
N PRO F 72 -9.43 -0.77 9.43
CA PRO F 72 -8.51 0.06 8.64
C PRO F 72 -8.06 -0.62 7.35
N PRO F 73 -7.48 0.14 6.42
CA PRO F 73 -7.06 -0.41 5.13
C PRO F 73 -6.14 -1.62 5.27
N HIS F 74 -6.30 -2.60 4.39
CA HIS F 74 -5.43 -3.78 4.37
C HIS F 74 -5.28 -4.49 5.73
N THR F 75 -6.37 -4.52 6.48
CA THR F 75 -6.39 -5.10 7.80
C THR F 75 -7.37 -6.27 7.83
N PHE F 76 -7.03 -7.25 8.64
CA PHE F 76 -7.79 -8.48 8.78
C PHE F 76 -8.38 -8.49 10.18
N LEU F 77 -9.62 -8.93 10.28
CA LEU F 77 -10.33 -8.94 11.56
C LEU F 77 -11.27 -10.13 11.67
N LEU F 78 -11.35 -10.73 12.86
CA LEU F 78 -12.33 -11.78 13.12
C LEU F 78 -13.60 -11.21 13.72
N ALA F 79 -14.73 -11.65 13.19
CA ALA F 79 -16.05 -11.21 13.62
C ALA F 79 -16.96 -12.42 13.78
N THR F 80 -18.23 -12.17 14.09
CA THR F 80 -19.19 -13.22 14.25
C THR F 80 -20.57 -12.80 13.76
N THR F 81 -21.40 -13.78 13.47
CA THR F 81 -22.79 -13.54 13.15
C THR F 81 -23.56 -13.37 14.43
N MET F 82 -24.64 -12.61 14.37
CA MET F 82 -25.59 -12.54 15.47
C MET F 82 -26.29 -13.89 15.60
N GLU F 83 -26.50 -14.56 14.47
CA GLU F 83 -27.30 -15.75 14.45
C GLU F 83 -26.52 -16.95 14.95
N THR F 84 -27.20 -17.78 15.72
CA THR F 84 -26.71 -19.10 16.05
C THR F 84 -27.40 -20.04 15.09
N VAL F 85 -26.64 -20.98 14.57
CA VAL F 85 -27.10 -21.88 13.55
C VAL F 85 -26.96 -23.30 14.05
N LYS F 86 -27.99 -24.11 13.87
CA LYS F 86 -27.87 -25.53 14.19
C LYS F 86 -28.27 -26.36 12.99
N LEU F 87 -27.33 -27.12 12.46
CA LEU F 87 -27.57 -27.97 11.29
C LEU F 87 -27.81 -29.42 11.68
N PRO F 88 -28.83 -30.06 11.11
CA PRO F 88 -28.97 -31.48 11.25
C PRO F 88 -27.92 -32.22 10.44
N ASN F 89 -27.89 -33.54 10.55
CA ASN F 89 -26.83 -34.32 9.92
C ASN F 89 -26.88 -34.35 8.41
N HIS F 90 -28.02 -34.00 7.83
CA HIS F 90 -28.20 -34.18 6.39
C HIS F 90 -28.18 -32.87 5.63
N LEU F 91 -27.75 -31.79 6.28
CA LEU F 91 -27.57 -30.51 5.62
C LEU F 91 -26.20 -29.94 5.86
N THR F 92 -25.71 -29.20 4.88
CA THR F 92 -24.48 -28.44 4.98
C THR F 92 -24.81 -27.07 4.44
N ALA F 93 -23.99 -26.07 4.74
CA ALA F 93 -24.28 -24.71 4.30
C ALA F 93 -23.01 -23.99 3.91
N PHE F 94 -23.06 -23.32 2.76
CA PHE F 94 -21.94 -22.55 2.25
C PHE F 94 -22.06 -21.08 2.72
N VAL F 95 -21.05 -20.61 3.44
CA VAL F 95 -21.02 -19.22 3.92
C VAL F 95 -20.31 -18.38 2.89
N GLU F 96 -20.89 -17.24 2.56
CA GLU F 96 -20.28 -16.33 1.62
C GLU F 96 -20.75 -14.91 1.93
N GLY F 97 -20.01 -13.96 1.41
CA GLY F 97 -20.37 -12.58 1.59
C GLY F 97 -21.53 -12.22 0.70
N ARG F 98 -22.15 -11.09 0.98
CA ARG F 98 -23.15 -10.53 0.10
C ARG F 98 -22.44 -9.72 -0.96
N SER F 99 -22.89 -9.81 -2.20
CA SER F 99 -22.29 -9.03 -3.28
C SER F 99 -22.14 -7.54 -2.96
N SER F 100 -23.13 -6.92 -2.32
CA SER F 100 -23.06 -5.48 -1.98
C SER F 100 -21.90 -5.15 -1.09
N VAL F 101 -21.52 -6.09 -0.25
CA VAL F 101 -20.45 -5.89 0.70
C VAL F 101 -19.09 -6.08 0.04
N GLY F 102 -18.96 -7.16 -0.73
CA GLY F 102 -17.72 -7.45 -1.45
C GLY F 102 -17.39 -6.38 -2.46
N ARG F 103 -18.43 -5.75 -3.01
CA ARG F 103 -18.21 -4.65 -3.97
C ARG F 103 -17.62 -3.38 -3.34
N LEU F 104 -17.67 -3.26 -2.02
CA LEU F 104 -16.97 -2.19 -1.32
C LEU F 104 -15.64 -2.63 -0.76
N GLY F 105 -15.09 -3.73 -1.29
CA GLY F 105 -13.74 -4.18 -0.92
C GLY F 105 -13.67 -4.88 0.44
N LEU F 106 -14.81 -5.24 1.02
CA LEU F 106 -14.78 -5.97 2.25
C LEU F 106 -14.95 -7.41 1.92
N PHE F 107 -13.87 -8.18 2.04
CA PHE F 107 -13.92 -9.59 1.71
C PHE F 107 -14.19 -10.48 2.88
N ILE F 108 -15.18 -11.33 2.72
CA ILE F 108 -15.48 -12.40 3.68
C ILE F 108 -14.64 -13.60 3.26
N GLN F 109 -13.44 -13.71 3.79
CA GLN F 109 -12.46 -14.72 3.36
C GLN F 109 -12.74 -16.15 3.84
N ASN F 110 -13.62 -16.28 4.82
CA ASN F 110 -13.92 -17.58 5.42
C ASN F 110 -14.84 -18.47 4.56
N ALA F 111 -15.08 -18.08 3.32
CA ALA F 111 -16.14 -18.69 2.50
C ALA F 111 -15.92 -20.18 2.39
N GLY F 112 -16.90 -20.95 2.87
CA GLY F 112 -16.80 -22.39 2.87
C GLY F 112 -18.01 -23.11 3.44
N TRP F 113 -17.94 -24.43 3.43
CA TRP F 113 -19.05 -25.26 3.79
C TRP F 113 -19.02 -25.61 5.26
N VAL F 114 -20.15 -25.36 5.93
CA VAL F 114 -20.32 -25.72 7.33
C VAL F 114 -20.56 -27.23 7.46
N ASP F 115 -19.87 -27.87 8.40
CA ASP F 115 -20.04 -29.30 8.65
C ASP F 115 -21.46 -29.63 9.10
N PRO F 116 -22.05 -30.71 8.55
CA PRO F 116 -23.30 -31.18 9.09
C PRO F 116 -23.18 -31.40 10.56
N GLY F 117 -24.24 -31.04 11.28
CA GLY F 117 -24.27 -31.24 12.71
C GLY F 117 -23.69 -30.06 13.44
N PHE F 118 -23.19 -29.05 12.72
CA PHE F 118 -22.59 -27.89 13.38
C PHE F 118 -23.62 -27.14 14.17
N ASN F 119 -23.20 -26.66 15.33
CA ASN F 119 -24.07 -25.88 16.19
C ASN F 119 -23.27 -24.74 16.78
N GLY F 120 -23.61 -23.52 16.38
CA GLY F 120 -22.94 -22.34 16.92
C GLY F 120 -23.15 -21.11 16.07
N GLN F 121 -22.56 -20.01 16.51
CA GLN F 121 -22.51 -18.80 15.68
C GLN F 121 -21.44 -19.03 14.65
N ILE F 122 -21.45 -18.23 13.59
CA ILE F 122 -20.48 -18.35 12.52
C ILE F 122 -19.42 -17.27 12.69
N THR F 123 -18.15 -17.71 12.77
CA THR F 123 -17.01 -16.80 12.86
C THR F 123 -16.65 -16.36 11.44
N LEU F 124 -16.50 -15.06 11.26
CA LEU F 124 -16.20 -14.48 9.95
C LEU F 124 -14.77 -13.92 9.90
N GLU F 125 -14.14 -14.08 8.76
CA GLU F 125 -12.83 -13.56 8.49
C GLU F 125 -13.01 -12.34 7.59
N LEU F 126 -12.87 -11.16 8.16
CA LEU F 126 -13.02 -9.92 7.41
C LEU F 126 -11.71 -9.32 6.96
N PHE F 127 -11.64 -8.93 5.70
CA PHE F 127 -10.44 -8.25 5.19
C PHE F 127 -10.83 -7.01 4.42
N ASN F 128 -10.27 -5.87 4.81
CA ASN F 128 -10.49 -4.63 4.10
C ASN F 128 -9.43 -4.47 3.04
N ALA F 129 -9.83 -4.67 1.78
CA ALA F 129 -8.88 -4.62 0.70
C ALA F 129 -8.75 -3.24 0.07
N ASN F 130 -9.38 -2.23 0.63
CA ASN F 130 -9.25 -0.86 0.11
C ASN F 130 -8.07 -0.12 0.73
N ARG F 131 -7.80 1.09 0.22
CA ARG F 131 -6.86 1.99 0.87
C ARG F 131 -7.50 2.89 1.89
N LEU F 132 -8.82 2.82 2.04
CA LEU F 132 -9.53 3.62 3.02
C LEU F 132 -10.08 2.72 4.10
N PRO F 133 -10.26 3.28 5.29
CA PRO F 133 -10.94 2.50 6.30
C PRO F 133 -12.41 2.27 5.93
N ILE F 134 -12.98 1.18 6.42
CA ILE F 134 -14.42 0.91 6.27
C ILE F 134 -15.11 0.96 7.61
N GLU F 135 -16.26 1.64 7.66
CA GLU F 135 -17.13 1.62 8.84
C GLU F 135 -18.14 0.49 8.69
N LEU F 136 -18.01 -0.56 9.49
CA LEU F 136 -18.96 -1.65 9.48
C LEU F 136 -20.07 -1.39 10.51
N PRO F 137 -21.34 -1.38 10.08
CA PRO F 137 -22.40 -1.20 11.05
C PRO F 137 -22.86 -2.52 11.65
N ILE F 138 -22.89 -2.54 12.98
CA ILE F 138 -23.25 -3.72 13.73
C ILE F 138 -24.72 -4.04 13.44
N GLY F 139 -25.03 -5.32 13.28
CA GLY F 139 -26.42 -5.73 13.02
C GLY F 139 -26.90 -5.72 11.57
N ARG F 140 -26.04 -5.25 10.65
CA ARG F 140 -26.39 -5.23 9.24
C ARG F 140 -26.11 -6.58 8.61
N ARG F 141 -26.83 -6.89 7.54
CA ARG F 141 -26.64 -8.14 6.84
C ARG F 141 -25.33 -8.11 6.09
N ILE F 142 -24.46 -9.06 6.44
CA ILE F 142 -23.04 -9.05 6.05
C ILE F 142 -22.65 -10.27 5.19
N CYS F 143 -23.37 -11.36 5.33
CA CYS F 143 -23.06 -12.58 4.59
C CYS F 143 -24.33 -13.37 4.39
N GLN F 144 -24.21 -14.56 3.81
CA GLN F 144 -25.38 -15.42 3.65
C GLN F 144 -24.97 -16.91 3.63
N LEU F 145 -25.93 -17.79 3.92
CA LEU F 145 -25.76 -19.22 3.85
C LEU F 145 -26.56 -19.80 2.69
N VAL F 146 -25.92 -20.70 1.97
CA VAL F 146 -26.56 -21.43 0.90
C VAL F 146 -26.60 -22.90 1.34
N PHE F 147 -27.80 -23.46 1.46
CA PHE F 147 -27.93 -24.79 1.99
C PHE F 147 -27.96 -25.85 0.92
N ALA F 148 -27.32 -26.96 1.23
CA ALA F 148 -27.31 -28.11 0.35
C ALA F 148 -27.57 -29.37 1.15
N GLU F 149 -28.22 -30.32 0.50
CA GLU F 149 -28.44 -31.63 1.10
C GLU F 149 -27.18 -32.45 1.06
N VAL F 150 -27.03 -33.28 2.07
CA VAL F 150 -25.95 -34.24 2.10
C VAL F 150 -26.48 -35.63 1.82
N THR F 151 -25.85 -36.28 0.84
CA THR F 151 -26.21 -37.65 0.51
C THR F 151 -25.28 -38.62 1.23
N GLY F 152 -25.86 -39.66 1.82
CA GLY F 152 -25.09 -40.70 2.51
C GLY F 152 -25.16 -40.57 4.01
N GLU F 153 -24.69 -41.61 4.68
CA GLU F 153 -24.67 -41.65 6.14
C GLU F 153 -23.66 -40.63 6.64
N VAL F 154 -23.97 -39.95 7.73
CA VAL F 154 -23.10 -38.86 8.23
C VAL F 154 -22.61 -39.03 9.66
N ALA F 155 -21.30 -38.92 9.88
CA ALA F 155 -20.74 -38.76 11.24
C ALA F 155 -20.70 -37.27 11.54
N PRO F 156 -21.55 -36.78 12.46
CA PRO F 156 -21.71 -35.32 12.61
C PRO F 156 -20.51 -34.62 13.23
N TYR F 157 -20.48 -33.29 13.06
CA TYR F 157 -19.37 -32.47 13.53
C TYR F 157 -19.11 -32.63 15.03
N GLN F 158 -17.88 -33.03 15.36
CA GLN F 158 -17.44 -33.19 16.74
C GLN F 158 -16.14 -32.43 16.96
N GLY F 159 -15.93 -31.37 16.20
CA GLY F 159 -14.64 -30.70 16.17
C GLY F 159 -14.46 -29.60 17.19
N LYS F 160 -13.48 -28.75 16.91
CA LYS F 160 -13.04 -27.73 17.86
C LYS F 160 -14.10 -26.70 18.19
N TYR F 161 -14.93 -26.37 17.21
CA TYR F 161 -15.76 -25.16 17.29
C TYR F 161 -17.25 -25.40 17.60
N LEU F 162 -17.58 -26.58 18.10
CA LEU F 162 -18.92 -26.86 18.55
C LEU F 162 -19.34 -25.91 19.67
N PHE F 163 -20.54 -25.35 19.54
CA PHE F 163 -21.14 -24.40 20.50
C PHE F 163 -20.43 -23.05 20.56
N GLN F 164 -19.66 -22.69 19.54
CA GLN F 164 -18.91 -21.45 19.59
C GLN F 164 -19.84 -20.24 19.67
N LYS F 165 -19.41 -19.27 20.45
CA LYS F 165 -20.09 -18.00 20.67
C LYS F 165 -19.03 -16.93 20.54
N GLY F 166 -19.36 -15.85 19.87
CA GLY F 166 -18.39 -14.79 19.60
C GLY F 166 -17.42 -15.16 18.50
N ALA F 167 -16.78 -14.15 17.94
CA ALA F 167 -15.60 -14.34 17.14
C ALA F 167 -14.67 -15.25 17.93
N THR F 168 -14.35 -16.39 17.34
CA THR F 168 -13.66 -17.46 18.04
C THR F 168 -12.30 -17.69 17.39
N MET F 169 -11.27 -17.43 18.17
CA MET F 169 -9.90 -17.54 17.72
C MET F 169 -9.60 -18.95 17.24
N SER F 170 -8.70 -19.09 16.26
CA SER F 170 -8.26 -20.42 15.82
C SER F 170 -7.76 -21.29 16.96
N GLU F 171 -8.14 -22.57 16.93
CA GLU F 171 -7.58 -23.57 17.84
C GLU F 171 -6.82 -24.64 17.08
N ILE F 172 -6.18 -24.24 15.98
CA ILE F 172 -5.40 -25.13 15.12
C ILE F 172 -4.40 -25.99 15.90
N TYR F 173 -3.82 -25.41 16.95
CA TYR F 173 -2.84 -26.10 17.78
C TYR F 173 -3.41 -27.36 18.48
N LYS F 174 -4.72 -27.56 18.44
CA LYS F 174 -5.33 -28.78 19.02
C LYS F 174 -5.43 -30.04 18.14
PA TTP G . 14.30 22.33 -11.17
O1A TTP G . 14.58 21.67 -9.86
O2A TTP G . 15.30 23.13 -11.97
O3A TTP G . 13.57 21.31 -12.14
PB TTP G . 14.09 20.72 -13.50
O1B TTP G . 13.41 19.38 -13.60
O2B TTP G . 15.58 20.75 -13.59
O3B TTP G . 13.46 21.72 -14.60
PG TTP G . 14.37 22.45 -15.75
O1G TTP G . 14.89 21.32 -16.61
O2G TTP G . 13.36 23.33 -16.40
O3G TTP G . 15.42 23.20 -14.95
O5' TTP G . 13.06 23.26 -10.82
C5' TTP G . 12.56 24.02 -11.92
C4' TTP G . 11.50 24.95 -11.41
O4' TTP G . 10.56 24.08 -10.80
C3' TTP G . 11.94 25.91 -10.32
O3' TTP G . 12.57 27.12 -10.82
C2' TTP G . 10.64 26.12 -9.58
C1' TTP G . 9.81 24.85 -9.87
N1 TTP G . 9.54 24.18 -8.61
C2 TTP G . 8.20 23.77 -8.25
O2 TTP G . 7.23 23.92 -9.03
N3 TTP G . 7.95 23.22 -7.07
C4 TTP G . 8.92 23.08 -6.17
O4 TTP G . 8.67 22.59 -5.06
C5 TTP G . 10.30 23.50 -6.49
C5M TTP G . 11.40 23.32 -5.51
C6 TTP G . 10.54 24.04 -7.73
MG MG H . 4.79 28.81 10.77
C1 PEG I . 17.45 41.61 -11.12
O1 PEG I . 17.49 40.68 -10.02
C2 PEG I . 18.22 42.84 -10.69
O2 PEG I . 17.88 43.07 -9.32
C3 PEG I . 18.72 44.02 -8.63
C4 PEG I . 19.75 43.33 -7.75
O4 PEG I . 19.30 43.24 -6.38
PA TTP J . 6.67 26.08 11.09
O1A TTP J . 6.78 25.44 9.75
O2A TTP J . 6.53 27.58 11.13
O3A TTP J . 5.35 25.45 11.78
PB TTP J . 3.81 25.90 11.46
O1B TTP J . 3.08 24.59 11.15
O2B TTP J . 3.73 27.03 10.48
O3B TTP J . 3.48 26.41 12.96
PG TTP J . 3.19 27.99 13.30
O1G TTP J . 1.76 28.07 12.79
O2G TTP J . 3.43 28.09 14.77
O3G TTP J . 4.24 28.75 12.47
O5' TTP J . 7.59 25.57 12.26
C5' TTP J . 7.42 26.18 13.51
C4' TTP J . 8.45 25.63 14.50
O4' TTP J . 8.40 24.20 14.58
C3' TTP J . 9.92 25.97 14.22
O3' TTP J . 10.29 27.32 14.49
C2' TTP J . 10.62 24.93 15.12
C1' TTP J . 9.66 23.70 15.08
N1 TTP J . 10.25 22.65 14.21
C2 TTP J . 10.38 21.30 14.66
O2 TTP J . 9.97 20.90 15.78
N3 TTP J . 10.97 20.38 13.86
C4 TTP J . 11.42 20.67 12.65
O4 TTP J . 11.96 19.78 11.92
C5 TTP J . 11.28 22.05 12.13
C5M TTP J . 11.81 22.43 10.76
C6 TTP J . 10.67 23.00 12.97
MG MG K . 28.08 14.51 10.02
MG MG L . 16.48 22.60 -13.48
PA TTP M . 26.66 14.02 7.19
O1A TTP M . 25.22 14.40 7.06
O2A TTP M . 27.59 14.65 8.22
O3A TTP M . 26.67 12.45 7.52
PB TTP M . 27.08 11.77 8.92
O1B TTP M . 26.16 10.55 8.99
O2B TTP M . 27.16 12.74 10.07
O3B TTP M . 28.61 11.25 8.65
PG TTP M . 29.93 11.82 9.41
O1G TTP M . 29.89 11.08 10.70
O2G TTP M . 30.99 11.37 8.43
O3G TTP M . 29.85 13.32 9.57
O5' TTP M . 27.26 14.13 5.71
C5' TTP M . 28.60 13.65 5.58
C4' TTP M . 29.01 13.59 4.14
O4' TTP M . 28.15 12.72 3.38
C3' TTP M . 28.90 14.93 3.45
O3' TTP M . 30.06 15.73 3.73
C2' TTP M . 28.75 14.54 1.99
C1' TTP M . 28.11 13.13 2.03
N1 TTP M . 26.75 13.22 1.47
C2 TTP M . 26.32 12.35 0.45
O2 TTP M . 27.07 11.45 0.03
N3 TTP M . 25.10 12.47 -0.09
C4 TTP M . 24.28 13.46 0.29
O4 TTP M . 23.14 13.61 -0.22
C5 TTP M . 24.68 14.40 1.33
C5M TTP M . 23.75 15.50 1.80
C6 TTP M . 25.92 14.20 1.88
PA TTP N . -26.23 -11.05 -3.36
O1A TTP N . -27.67 -11.33 -3.00
O2A TTP N . -25.11 -11.62 -2.59
O3A TTP N . -26.09 -9.42 -3.20
PB TTP N . -26.86 -8.58 -2.06
O1B TTP N . -27.44 -9.44 -1.00
O2B TTP N . -25.96 -7.48 -1.65
O3B TTP N . -27.91 -7.96 -3.04
PG TTP N . -29.50 -7.98 -2.78
O1G TTP N . -29.88 -9.45 -2.41
O2G TTP N . -29.91 -7.52 -4.13
O3G TTP N . -29.53 -7.04 -1.59
O5' TTP N . -26.07 -11.03 -4.93
C5' TTP N . -27.16 -10.53 -5.70
C4' TTP N . -26.72 -10.61 -7.13
O4' TTP N . -25.44 -10.03 -7.36
C3' TTP N . -26.55 -12.04 -7.56
O3' TTP N . -27.81 -12.71 -7.72
C2' TTP N . -25.76 -11.82 -8.85
C1' TTP N . -24.87 -10.60 -8.54
N1 TTP N . -23.45 -11.07 -8.45
C2 TTP N . -22.40 -10.48 -9.19
O2 TTP N . -22.61 -9.53 -9.96
N3 TTP N . -21.15 -10.96 -9.13
C4 TTP N . -20.85 -12.03 -8.34
O4 TTP N . -19.70 -12.52 -8.27
C5 TTP N . -21.93 -12.68 -7.56
C5M TTP N . -21.68 -13.86 -6.64
C6 TTP N . -23.19 -12.14 -7.66
MG MG O . -10.54 -24.16 -17.12
PA TTP P . -9.54 -24.04 -14.01
O1A TTP P . -10.30 -24.62 -15.19
O2A TTP P . -10.16 -23.15 -12.99
O3A TTP P . -8.15 -23.40 -14.55
PB TTP P . -7.86 -22.71 -15.96
O1B TTP P . -9.00 -22.38 -16.87
O2B TTP P . -7.07 -21.52 -15.43
O3B TTP P . -6.91 -23.80 -16.69
PG TTP P . -7.39 -24.72 -17.95
O1G TTP P . -8.79 -25.15 -17.63
O2G TTP P . -6.38 -25.85 -17.93
O3G TTP P . -7.41 -23.88 -19.18
O5' TTP P . -8.90 -25.16 -13.07
C5' TTP P . -8.27 -26.23 -13.74
C4' TTP P . -7.71 -27.23 -12.76
O4' TTP P . -6.95 -26.54 -11.79
C3' TTP P . -8.71 -28.02 -11.95
O3' TTP P . -9.20 -29.16 -12.66
C2' TTP P . -7.89 -28.43 -10.77
C1' TTP P . -6.80 -27.37 -10.70
N1 TTP P . -7.04 -26.64 -9.49
C2 TTP P . -6.00 -26.54 -8.55
O2 TTP P . -4.89 -27.05 -8.81
N3 TTP P . -6.18 -25.90 -7.38
C4 TTP P . -7.37 -25.34 -7.09
O4 TTP P . -7.57 -24.76 -6.00
C5 TTP P . -8.49 -25.44 -8.07
C5M TTP P . -9.85 -24.85 -7.80
C6 TTP P . -8.24 -26.10 -9.27
MG MG Q . -12.36 -29.61 9.86
MG MG R . -29.03 -11.14 -1.43
PA TTP S . -13.56 -26.70 9.33
O1A TTP S . -13.78 -28.17 9.61
O2A TTP S . -13.32 -26.31 7.91
O3A TTP S . -12.46 -26.08 10.31
PB TTP S . -11.26 -26.91 10.97
O1B TTP S . -10.99 -28.15 10.12
O2B TTP S . -10.16 -25.90 11.16
O3B TTP S . -11.83 -27.28 12.43
PG TTP S . -12.15 -28.80 12.91
O1G TTP S . -12.73 -29.51 11.71
O2G TTP S . -13.13 -28.50 14.03
O3G TTP S . -10.84 -29.38 13.38
O5' TTP S . -14.78 -25.83 9.93
C5' TTP S . -15.13 -26.18 11.25
C4' TTP S . -16.41 -25.49 11.68
O4' TTP S . -16.14 -24.11 11.68
C3' TTP S . -17.60 -25.71 10.76
O3' TTP S . -18.41 -26.84 11.14
C2' TTP S . -18.37 -24.42 10.91
C1' TTP S . -17.33 -23.40 11.44
N1 TTP S . -17.12 -22.33 10.46
C2 TTP S . -17.26 -20.97 10.87
O2 TTP S . -17.52 -20.67 12.06
N3 TTP S . -17.09 -19.97 9.99
C4 TTP S . -16.83 -20.22 8.71
O4 TTP S . -16.69 -19.29 7.90
C5 TTP S . -16.68 -21.64 8.24
C5M TTP S . -16.35 -21.96 6.81
C6 TTP S . -16.84 -22.65 9.17
#